data_4P59
#
_entry.id   4P59
#
_cell.length_a   124.226
_cell.length_b   140.939
_cell.length_c   180.247
_cell.angle_alpha   90.000
_cell.angle_beta   90.000
_cell.angle_gamma   90.000
#
_symmetry.space_group_name_H-M   'I 2 2 2'
#
loop_
_entity.id
_entity.type
_entity.pdbx_description
1 polymer 'Receptor tyrosine-protein kinase erbB-3'
2 polymer 'MOR09825 Fab fragment heavy chain'
3 polymer 'MOR09825 Fab fragment light chain'
4 branched 2-acetamido-2-deoxy-beta-D-glucopyranose-(1-4)-2-acetamido-2-deoxy-beta-D-glucopyranose
5 non-polymer 2-acetamido-2-deoxy-beta-D-glucopyranose
6 water water
#
loop_
_entity_poly.entity_id
_entity_poly.type
_entity_poly.pdbx_seq_one_letter_code
_entity_poly.pdbx_strand_id
1 'polypeptide(L)'
;SEVGNSQAVCPGTLNGLSVTGDAENQYQTLYKLYERCEVVMGNLEIVLTGHNADLSFLQWIREVTGYVLVAMNEFSTLPL
PNLRVVRGTQVYDGKFAIFVMLNYNTNSSHALRQLRLTQLTEILSGGVYIEKNDKLCHMDTIDWRDIVRDRDAEIVVKDN
GRSCPPCHEVCKGRCWGPGSEDCQTLTKTICAPQCNGHCFGPNPNQCCHDECAGGCSGPQDTDCFACRHFNDSGACVPRC
PQPLVYNKLTFQLEPNPHTKYQYGGVCVASCPHNFVVDQTSCVRACPPDKMEVDKNGLKMCEPCGGLCPKACEGTGSGSR
FQTVDSSNIDGFVNCTKILGNLDFLITGLNGDPWHKIPALDPEKLNVFRTVREITGYLNIQSWPPHMHNFSVFSNLTTIG
GRSLYNRGFSLLIMKNLNVTSLGFRSLKEISAGRIYISANRQLCYHHSLNWTKVLRGPTEERLDIKHNRPRRDCVAEGKV
CDPLCSSGGCWGPGPGQCLSCRNYSRGGVCVTHCNFLNGEPREFAHEAECFSCHPECQPMEGTATCNGSGSDTCAQCAHF
RDGPHCVSSCPHGVLGAKGPIYKYPDVQNECRPCHENCTQGCKGPELQDCLGQTLVLIGKTEFRHDS
;
A
2 'polypeptide(L)'
;QVQLVESGGGLVQPGGSLRLSCAASGFTFSSYAMSWVRQAPGKGLEWVSAINSQGKSTYYADSVKGRFTISRDNSKNTLY
LQMNSLRAEDTAVYYCARWGDEGFDIWGQGTLVTVSSASTKGPSVFPLAPSSKSTSGGTAALGCLVKDYFPEPVTVSWNS
GALTSGVHTFPAVLQSSGLYSLSSVVTVPSSSLGTQTYICNVNHKPSNTKVDKKVEPKSEFDYKDDDDKGAPHHHHHH
;
H
3 'polypeptide(L)'
;DIQMTQSPSSLSASVGDRVTITCRASQGISNWLAWYQQKPGKAPKLLIYGASSLQSGVPSRFSGSGSGTDFTLTISSLQP
EDFAVYYCQQYSSFPTTFGQGTKVEIKRTVAAPSVFIFPPSDEQLKSGTASVVCLLNNFYPREAKVQWKVDNALQSGNSQ
ESVTEQDSKDSTYSLSSTLTLSKADYEKHKVYACEVTHQGLSSPVTKSFNRGEA
;
L
#
loop_
_chem_comp.id
_chem_comp.type
_chem_comp.name
_chem_comp.formula
NAG D-saccharide, beta linking 2-acetamido-2-deoxy-beta-D-glucopyranose 'C8 H15 N O6'
#
# COMPACT_ATOMS: atom_id res chain seq x y z
N GLN A 7 -21.89 10.68 -8.55
CA GLN A 7 -21.92 11.03 -9.97
C GLN A 7 -22.25 12.53 -10.17
N ALA A 8 -21.28 13.41 -9.82
CA ALA A 8 -21.42 14.86 -9.88
C ALA A 8 -21.50 15.45 -11.28
N VAL A 9 -20.63 14.99 -12.21
CA VAL A 9 -20.57 15.52 -13.58
C VAL A 9 -21.33 14.67 -14.61
N CYS A 10 -22.16 15.32 -15.43
CA CYS A 10 -22.93 14.68 -16.51
C CYS A 10 -22.92 15.56 -17.75
N PRO A 11 -23.00 14.97 -18.97
CA PRO A 11 -23.02 15.80 -20.18
C PRO A 11 -24.31 16.59 -20.36
N GLY A 12 -24.22 17.62 -21.19
CA GLY A 12 -25.34 18.50 -21.52
C GLY A 12 -25.64 18.45 -23.00
N THR A 13 -26.92 18.68 -23.35
CA THR A 13 -27.43 18.68 -24.74
C THR A 13 -26.72 19.71 -25.64
N LEU A 14 -26.72 19.44 -26.97
CA LEU A 14 -26.09 20.28 -27.99
C LEU A 14 -27.13 21.01 -28.83
N ASN A 15 -28.18 20.28 -29.25
CA ASN A 15 -29.29 20.78 -30.06
C ASN A 15 -30.36 21.47 -29.20
N GLY A 16 -30.81 22.64 -29.64
CA GLY A 16 -31.82 23.44 -28.94
C GLY A 16 -32.94 23.93 -29.83
N TYR A 31 -41.35 12.11 -23.38
CA TYR A 31 -41.62 13.16 -22.40
C TYR A 31 -40.31 13.84 -21.90
N LYS A 32 -40.35 14.58 -20.75
CA LYS A 32 -39.19 15.28 -20.18
C LYS A 32 -38.11 14.30 -19.67
N LEU A 33 -36.86 14.55 -20.07
CA LEU A 33 -35.71 13.72 -19.72
C LEU A 33 -34.84 14.48 -18.70
N TYR A 34 -34.48 13.84 -17.57
CA TYR A 34 -33.72 14.57 -16.56
C TYR A 34 -32.42 13.89 -16.06
N GLU A 35 -31.45 14.77 -15.69
CA GLU A 35 -30.11 14.54 -15.15
C GLU A 35 -29.93 15.31 -13.81
N ARG A 36 -29.78 14.57 -12.68
CA ARG A 36 -29.60 15.09 -11.32
C ARG A 36 -28.12 15.58 -11.06
N CYS A 37 -27.58 16.34 -12.05
CA CYS A 37 -26.25 16.92 -12.20
C CYS A 37 -25.84 17.86 -11.06
N GLU A 38 -24.53 18.14 -10.99
CA GLU A 38 -23.90 19.11 -10.09
C GLU A 38 -23.09 20.06 -11.00
N VAL A 39 -22.25 19.46 -11.84
CA VAL A 39 -21.46 20.16 -12.84
C VAL A 39 -22.00 19.65 -14.18
N VAL A 40 -22.44 20.58 -15.05
CA VAL A 40 -22.96 20.23 -16.37
C VAL A 40 -21.86 20.36 -17.38
N MET A 41 -21.43 19.20 -17.91
CA MET A 41 -20.40 19.05 -18.91
C MET A 41 -21.04 19.32 -20.30
N GLY A 42 -21.35 20.57 -20.53
CA GLY A 42 -22.01 21.02 -21.75
C GLY A 42 -23.09 22.03 -21.42
N ASN A 43 -24.09 22.12 -22.30
CA ASN A 43 -25.16 23.09 -22.20
C ASN A 43 -26.43 22.61 -21.49
N LEU A 44 -27.00 23.47 -20.63
CA LEU A 44 -28.24 23.20 -19.95
C LEU A 44 -29.33 23.82 -20.81
N GLU A 45 -30.12 22.98 -21.50
CA GLU A 45 -31.16 23.46 -22.41
C GLU A 45 -32.52 22.99 -21.96
N ILE A 46 -33.34 23.91 -21.44
CA ILE A 46 -34.70 23.65 -21.00
C ILE A 46 -35.65 24.29 -22.01
N VAL A 47 -36.13 23.49 -22.98
CA VAL A 47 -37.01 23.98 -24.04
C VAL A 47 -38.34 23.19 -24.10
N LEU A 48 -39.47 23.93 -24.17
CA LEU A 48 -40.85 23.44 -24.20
C LEU A 48 -41.19 22.50 -23.03
N THR A 49 -41.24 23.08 -21.81
CA THR A 49 -41.51 22.34 -20.57
C THR A 49 -42.81 22.86 -19.94
N GLY A 50 -43.63 21.93 -19.47
CA GLY A 50 -44.95 22.20 -18.87
C GLY A 50 -44.96 23.08 -17.63
N HIS A 51 -46.16 23.60 -17.30
CA HIS A 51 -46.40 24.46 -16.14
C HIS A 51 -46.30 23.70 -14.82
N ASN A 52 -46.64 22.40 -14.84
CA ASN A 52 -46.61 21.50 -13.69
C ASN A 52 -45.42 20.54 -13.80
N ALA A 53 -44.24 21.10 -14.10
CA ALA A 53 -43.01 20.32 -14.24
C ALA A 53 -42.14 20.48 -13.00
N ASP A 54 -41.90 19.37 -12.28
CA ASP A 54 -41.10 19.35 -11.08
C ASP A 54 -39.65 19.39 -11.47
N LEU A 55 -38.93 20.42 -11.02
CA LEU A 55 -37.51 20.64 -11.35
C LEU A 55 -36.60 20.58 -10.10
N SER A 56 -36.75 19.52 -9.29
CA SER A 56 -35.97 19.31 -8.09
C SER A 56 -34.54 18.87 -8.39
N PHE A 57 -34.33 18.18 -9.53
CA PHE A 57 -33.03 17.67 -10.00
C PHE A 57 -32.04 18.79 -10.34
N LEU A 58 -32.59 19.94 -10.78
CA LEU A 58 -31.81 21.14 -11.14
C LEU A 58 -31.23 21.83 -9.88
N GLN A 59 -31.77 21.48 -8.69
CA GLN A 59 -31.38 22.07 -7.41
C GLN A 59 -29.92 21.78 -7.04
N TRP A 60 -29.26 20.78 -7.66
CA TRP A 60 -27.86 20.50 -7.33
C TRP A 60 -26.85 21.11 -8.27
N ILE A 61 -27.32 21.65 -9.40
CA ILE A 61 -26.49 22.28 -10.44
C ILE A 61 -25.87 23.61 -9.95
N ARG A 62 -24.52 23.62 -9.89
CA ARG A 62 -23.63 24.72 -9.49
C ARG A 62 -22.82 25.31 -10.65
N GLU A 63 -22.34 24.45 -11.57
CA GLU A 63 -21.51 24.86 -12.71
C GLU A 63 -22.10 24.40 -14.05
N VAL A 64 -22.00 25.26 -15.10
CA VAL A 64 -22.43 24.95 -16.47
C VAL A 64 -21.27 25.32 -17.41
N THR A 65 -20.55 24.30 -17.97
CA THR A 65 -19.39 24.55 -18.86
C THR A 65 -19.76 25.33 -20.14
N GLY A 66 -20.88 24.96 -20.76
CA GLY A 66 -21.41 25.58 -21.96
C GLY A 66 -22.34 26.73 -21.63
N TYR A 67 -23.58 26.68 -22.12
CA TYR A 67 -24.58 27.73 -21.89
C TYR A 67 -25.88 27.25 -21.26
N VAL A 68 -26.69 28.20 -20.77
CA VAL A 68 -28.02 27.98 -20.22
C VAL A 68 -29.06 28.53 -21.22
N LEU A 69 -29.92 27.64 -21.77
CA LEU A 69 -30.98 27.99 -22.73
C LEU A 69 -32.33 27.67 -22.12
N VAL A 70 -33.11 28.72 -21.84
CA VAL A 70 -34.45 28.61 -21.24
C VAL A 70 -35.41 29.25 -22.26
N ALA A 71 -35.86 28.46 -23.25
CA ALA A 71 -36.77 28.94 -24.29
C ALA A 71 -38.13 28.24 -24.26
N MET A 72 -39.21 29.04 -24.48
CA MET A 72 -40.64 28.69 -24.54
C MET A 72 -41.09 27.67 -23.48
N ASN A 73 -41.13 28.11 -22.20
CA ASN A 73 -41.54 27.28 -21.06
C ASN A 73 -42.69 27.90 -20.25
N GLU A 74 -43.69 27.08 -19.89
CA GLU A 74 -44.89 27.47 -19.15
C GLU A 74 -44.76 27.41 -17.61
N PHE A 75 -43.62 26.86 -17.07
CA PHE A 75 -43.42 26.78 -15.61
C PHE A 75 -43.17 28.15 -15.00
N SER A 76 -43.90 28.46 -13.91
CA SER A 76 -43.92 29.75 -13.23
C SER A 76 -42.58 30.22 -12.66
N THR A 77 -41.64 29.31 -12.34
CA THR A 77 -40.30 29.68 -11.81
C THR A 77 -39.22 28.71 -12.24
N LEU A 78 -38.00 29.21 -12.54
CA LEU A 78 -36.85 28.35 -12.84
C LEU A 78 -35.93 28.33 -11.62
N PRO A 79 -35.87 27.17 -10.91
CA PRO A 79 -35.07 27.09 -9.68
C PRO A 79 -33.68 26.46 -9.84
N LEU A 80 -32.66 27.33 -9.86
CA LEU A 80 -31.24 26.97 -9.94
C LEU A 80 -30.52 27.78 -8.83
N PRO A 81 -30.75 27.42 -7.53
CA PRO A 81 -30.19 28.22 -6.41
C PRO A 81 -28.73 27.99 -6.07
N ASN A 82 -28.13 26.94 -6.65
CA ASN A 82 -26.73 26.57 -6.44
C ASN A 82 -25.82 26.99 -7.60
N LEU A 83 -26.43 27.42 -8.73
CA LEU A 83 -25.72 27.87 -9.93
C LEU A 83 -24.85 29.09 -9.61
N ARG A 84 -23.53 28.87 -9.53
CA ARG A 84 -22.52 29.86 -9.20
C ARG A 84 -21.72 30.31 -10.42
N VAL A 85 -21.53 29.41 -11.40
CA VAL A 85 -20.74 29.70 -12.61
C VAL A 85 -21.31 29.11 -13.91
N VAL A 86 -21.23 29.89 -14.99
CA VAL A 86 -21.59 29.50 -16.35
C VAL A 86 -20.34 29.83 -17.20
N ARG A 87 -19.50 28.81 -17.50
CA ARG A 87 -18.20 28.98 -18.19
C ARG A 87 -18.29 29.60 -19.60
N GLY A 88 -19.42 29.42 -20.28
CA GLY A 88 -19.69 29.95 -21.61
C GLY A 88 -18.71 29.54 -22.70
N THR A 89 -18.16 28.31 -22.60
CA THR A 89 -17.21 27.70 -23.55
C THR A 89 -17.91 27.44 -24.87
N GLN A 90 -19.20 27.11 -24.76
CA GLN A 90 -20.14 26.89 -25.85
C GLN A 90 -21.19 27.99 -25.67
N VAL A 91 -21.54 28.70 -26.76
CA VAL A 91 -22.47 29.81 -26.63
C VAL A 91 -23.64 29.73 -27.62
N TYR A 92 -24.84 30.10 -27.14
CA TYR A 92 -26.04 30.11 -27.95
C TYR A 92 -26.09 31.36 -28.83
N ASP A 93 -26.37 31.15 -30.14
CA ASP A 93 -26.41 32.16 -31.20
C ASP A 93 -25.04 32.83 -31.37
N GLY A 94 -24.00 32.11 -30.91
CA GLY A 94 -22.60 32.58 -30.93
C GLY A 94 -22.35 33.82 -30.09
N LYS A 95 -23.37 34.23 -29.28
CA LYS A 95 -23.31 35.44 -28.49
C LYS A 95 -23.59 35.28 -27.01
N PHE A 96 -24.47 34.34 -26.60
CA PHE A 96 -24.90 34.27 -25.19
C PHE A 96 -24.61 32.99 -24.44
N ALA A 97 -24.42 33.15 -23.11
CA ALA A 97 -24.21 32.12 -22.10
C ALA A 97 -25.52 31.86 -21.40
N ILE A 98 -26.38 32.90 -21.32
CA ILE A 98 -27.73 32.82 -20.76
C ILE A 98 -28.72 33.37 -21.76
N PHE A 99 -29.59 32.50 -22.29
CA PHE A 99 -30.61 32.85 -23.26
C PHE A 99 -31.99 32.50 -22.76
N VAL A 100 -32.73 33.52 -22.31
CA VAL A 100 -34.09 33.41 -21.78
C VAL A 100 -35.05 34.18 -22.70
N MET A 101 -35.85 33.45 -23.51
CA MET A 101 -36.79 34.00 -24.50
C MET A 101 -38.08 33.18 -24.61
N LEU A 102 -39.21 33.87 -24.84
CA LEU A 102 -40.57 33.34 -25.09
C LEU A 102 -41.14 32.38 -24.02
N ASN A 103 -40.61 32.41 -22.78
CA ASN A 103 -41.09 31.54 -21.68
C ASN A 103 -42.40 32.08 -21.10
N TYR A 104 -43.45 31.98 -21.92
CA TYR A 104 -44.83 32.38 -21.67
C TYR A 104 -45.75 31.73 -22.70
N ASN A 105 -47.01 31.47 -22.30
CA ASN A 105 -48.07 30.95 -23.16
C ASN A 105 -49.02 32.11 -23.45
N THR A 106 -49.24 32.34 -24.75
CA THR A 106 -50.05 33.43 -25.30
C THR A 106 -51.47 33.50 -24.67
N ASN A 107 -52.20 32.37 -24.58
CA ASN A 107 -53.53 32.38 -23.98
C ASN A 107 -53.52 32.06 -22.48
N SER A 108 -52.76 31.02 -22.05
CA SER A 108 -52.65 30.57 -20.66
C SER A 108 -51.94 31.58 -19.75
N SER A 109 -52.47 31.76 -18.52
CA SER A 109 -51.90 32.66 -17.51
C SER A 109 -50.54 32.15 -17.00
N HIS A 110 -50.25 30.84 -17.20
CA HIS A 110 -49.01 30.18 -16.80
C HIS A 110 -47.84 30.64 -17.68
N ALA A 111 -46.84 31.26 -17.03
CA ALA A 111 -45.64 31.83 -17.66
C ALA A 111 -44.52 32.01 -16.64
N LEU A 112 -43.24 32.00 -17.11
CA LEU A 112 -42.06 32.21 -16.27
C LEU A 112 -42.08 33.65 -15.72
N ARG A 113 -42.01 33.79 -14.39
CA ARG A 113 -42.06 35.09 -13.73
C ARG A 113 -40.87 35.37 -12.82
N GLN A 114 -40.12 34.32 -12.44
CA GLN A 114 -38.95 34.46 -11.58
C GLN A 114 -37.84 33.52 -11.97
N LEU A 115 -36.57 34.01 -11.90
CA LEU A 115 -35.32 33.26 -12.13
C LEU A 115 -34.58 33.18 -10.78
N ARG A 116 -34.50 31.98 -10.18
CA ARG A 116 -33.88 31.79 -8.86
C ARG A 116 -32.33 31.78 -8.86
N LEU A 117 -31.68 32.44 -9.86
CA LEU A 117 -30.21 32.49 -10.05
C LEU A 117 -29.46 33.38 -9.02
N THR A 118 -29.83 33.26 -7.72
CA THR A 118 -29.29 34.00 -6.58
C THR A 118 -27.81 33.87 -6.43
N GLN A 119 -27.29 32.63 -6.57
CA GLN A 119 -25.86 32.33 -6.39
C GLN A 119 -24.99 32.58 -7.65
N LEU A 120 -25.60 32.96 -8.81
CA LEU A 120 -24.88 33.27 -10.05
C LEU A 120 -23.93 34.43 -9.79
N THR A 121 -22.68 34.04 -9.54
CA THR A 121 -21.60 34.96 -9.23
C THR A 121 -20.95 35.44 -10.51
N GLU A 122 -20.73 34.52 -11.49
CA GLU A 122 -20.12 34.91 -12.75
C GLU A 122 -20.40 33.98 -13.93
N ILE A 123 -20.14 34.56 -15.11
CA ILE A 123 -20.20 34.03 -16.45
C ILE A 123 -18.77 34.29 -16.94
N LEU A 124 -17.96 33.23 -17.13
CA LEU A 124 -16.56 33.38 -17.55
C LEU A 124 -16.39 34.01 -18.94
N SER A 125 -17.19 33.57 -19.92
CA SER A 125 -17.20 34.05 -21.31
C SER A 125 -18.64 34.05 -21.81
N GLY A 126 -18.90 34.80 -22.86
CA GLY A 126 -20.23 34.87 -23.41
C GLY A 126 -21.00 36.03 -22.82
N GLY A 127 -22.16 36.29 -23.41
CA GLY A 127 -23.05 37.37 -23.01
C GLY A 127 -24.33 36.91 -22.35
N VAL A 128 -25.26 37.86 -22.13
CA VAL A 128 -26.54 37.62 -21.47
C VAL A 128 -27.72 38.16 -22.29
N TYR A 129 -28.73 37.30 -22.53
CA TYR A 129 -29.95 37.64 -23.28
C TYR A 129 -31.18 37.22 -22.49
N ILE A 130 -32.02 38.19 -22.10
CA ILE A 130 -33.25 37.94 -21.37
C ILE A 130 -34.36 38.84 -21.96
N GLU A 131 -35.03 38.34 -23.02
CA GLU A 131 -36.10 39.09 -23.68
C GLU A 131 -37.38 38.24 -23.82
N LYS A 132 -38.45 38.87 -24.34
CA LYS A 132 -39.78 38.35 -24.66
C LYS A 132 -40.37 37.31 -23.67
N ASN A 133 -40.11 37.46 -22.35
CA ASN A 133 -40.71 36.63 -21.29
C ASN A 133 -41.69 37.53 -20.58
N ASP A 134 -42.92 37.62 -21.13
CA ASP A 134 -44.06 38.49 -20.77
C ASP A 134 -44.36 38.70 -19.27
N LYS A 135 -43.94 37.78 -18.38
CA LYS A 135 -44.19 37.97 -16.95
C LYS A 135 -42.91 37.85 -16.08
N LEU A 136 -41.73 37.63 -16.71
CA LEU A 136 -40.44 37.54 -16.01
C LEU A 136 -40.00 38.91 -15.49
N CYS A 137 -39.58 38.99 -14.21
CA CYS A 137 -39.20 40.25 -13.59
C CYS A 137 -37.96 40.20 -12.72
N HIS A 138 -37.55 41.43 -12.26
CA HIS A 138 -36.43 41.79 -11.38
C HIS A 138 -35.06 41.79 -12.11
N MET A 139 -35.06 41.45 -13.41
CA MET A 139 -33.86 41.42 -14.24
C MET A 139 -33.28 42.80 -14.51
N ASP A 140 -34.15 43.82 -14.58
CA ASP A 140 -33.72 45.18 -14.82
C ASP A 140 -32.98 45.75 -13.60
N THR A 141 -33.16 45.13 -12.43
CA THR A 141 -32.54 45.56 -11.19
C THR A 141 -31.12 45.06 -11.05
N ILE A 142 -30.81 43.91 -11.68
CA ILE A 142 -29.52 43.23 -11.59
C ILE A 142 -28.42 43.96 -12.38
N ASP A 143 -27.19 43.95 -11.79
CA ASP A 143 -25.97 44.50 -12.34
C ASP A 143 -25.28 43.32 -13.01
N TRP A 144 -25.51 43.18 -14.31
CA TRP A 144 -24.95 42.08 -15.11
C TRP A 144 -23.45 42.17 -15.29
N ARG A 145 -22.90 43.40 -15.24
CA ARG A 145 -21.46 43.59 -15.38
C ARG A 145 -20.70 43.06 -14.19
N ASP A 146 -21.36 42.94 -13.03
CA ASP A 146 -20.77 42.35 -11.83
C ASP A 146 -20.73 40.81 -11.99
N ILE A 147 -21.46 40.28 -13.01
CA ILE A 147 -21.48 38.85 -13.33
C ILE A 147 -20.62 38.57 -14.56
N VAL A 148 -21.06 39.08 -15.74
CA VAL A 148 -20.40 38.94 -17.06
C VAL A 148 -18.92 39.38 -17.05
N ARG A 149 -17.99 38.39 -16.96
CA ARG A 149 -16.54 38.61 -16.92
C ARG A 149 -16.02 39.17 -18.21
N ASP A 150 -16.64 38.76 -19.34
CA ASP A 150 -16.32 39.16 -20.73
C ASP A 150 -16.63 40.67 -20.98
N ARG A 151 -15.57 41.49 -21.02
CA ARG A 151 -15.61 42.94 -21.20
C ARG A 151 -16.39 43.40 -22.44
N ASP A 152 -16.20 42.68 -23.55
CA ASP A 152 -16.75 42.98 -24.87
C ASP A 152 -18.07 42.23 -25.21
N ALA A 153 -18.63 41.47 -24.27
CA ALA A 153 -19.88 40.70 -24.45
C ALA A 153 -21.13 41.60 -24.48
N GLU A 154 -22.30 41.09 -24.96
CA GLU A 154 -23.52 41.91 -24.96
C GLU A 154 -24.49 41.47 -23.87
N ILE A 155 -25.23 42.46 -23.31
CA ILE A 155 -26.26 42.30 -22.28
C ILE A 155 -27.57 42.93 -22.81
N VAL A 156 -28.54 42.06 -23.18
CA VAL A 156 -29.84 42.49 -23.69
C VAL A 156 -30.91 41.97 -22.78
N VAL A 157 -31.52 42.87 -22.00
CA VAL A 157 -32.54 42.51 -21.02
C VAL A 157 -33.68 43.54 -21.11
N LYS A 158 -34.47 43.46 -22.19
CA LYS A 158 -35.64 44.31 -22.42
C LYS A 158 -36.84 43.44 -22.83
N ASP A 159 -38.03 44.02 -23.01
CA ASP A 159 -39.24 43.28 -23.40
C ASP A 159 -39.55 42.08 -22.49
N ASN A 160 -39.76 42.32 -21.19
CA ASN A 160 -40.09 41.23 -20.26
C ASN A 160 -41.37 41.59 -19.52
N GLY A 161 -41.46 41.26 -18.23
CA GLY A 161 -42.62 41.57 -17.42
C GLY A 161 -42.71 43.02 -16.98
N ARG A 162 -43.94 43.52 -16.83
CA ARG A 162 -44.22 44.89 -16.40
C ARG A 162 -45.17 44.91 -15.19
N SER A 163 -45.16 46.03 -14.42
CA SER A 163 -45.95 46.26 -13.19
C SER A 163 -45.54 45.30 -12.06
N CYS A 164 -44.22 45.17 -11.85
CA CYS A 164 -43.63 44.26 -10.87
C CYS A 164 -43.18 44.93 -9.55
N PRO A 165 -43.17 44.19 -8.42
CA PRO A 165 -42.79 44.79 -7.13
C PRO A 165 -41.33 45.26 -7.01
N PRO A 166 -41.08 46.39 -6.31
CA PRO A 166 -39.69 46.86 -6.15
C PRO A 166 -38.85 45.96 -5.25
N CYS A 167 -37.51 45.91 -5.49
CA CYS A 167 -36.58 45.09 -4.69
C CYS A 167 -36.61 45.44 -3.20
N HIS A 168 -37.04 44.46 -2.36
CA HIS A 168 -37.16 44.50 -0.91
C HIS A 168 -35.97 45.23 -0.27
N GLU A 169 -36.23 46.22 0.60
CA GLU A 169 -35.24 47.10 1.27
C GLU A 169 -33.86 46.49 1.59
N VAL A 170 -33.81 45.22 2.06
CA VAL A 170 -32.56 44.50 2.42
C VAL A 170 -31.65 44.25 1.15
N CYS A 171 -32.27 44.13 -0.05
CA CYS A 171 -31.61 44.02 -1.35
C CYS A 171 -31.56 45.48 -1.80
N LYS A 172 -30.38 46.11 -1.80
CA LYS A 172 -30.24 47.56 -2.12
C LYS A 172 -30.45 47.89 -3.62
N GLY A 173 -31.67 47.66 -4.12
CA GLY A 173 -32.09 47.88 -5.51
C GLY A 173 -31.64 46.84 -6.50
N ARG A 174 -31.15 45.67 -6.00
CA ARG A 174 -30.63 44.53 -6.78
C ARG A 174 -31.16 43.22 -6.18
N CYS A 175 -32.04 42.50 -6.92
CA CYS A 175 -32.65 41.25 -6.47
C CYS A 175 -33.08 40.34 -7.62
N TRP A 176 -33.15 39.00 -7.39
CA TRP A 176 -33.56 37.97 -8.36
C TRP A 176 -35.05 37.66 -8.30
N GLY A 177 -35.62 37.91 -7.14
CA GLY A 177 -37.03 37.72 -6.81
C GLY A 177 -37.46 38.71 -5.74
N PRO A 178 -38.77 38.78 -5.39
CA PRO A 178 -39.21 39.77 -4.39
C PRO A 178 -38.69 39.55 -2.96
N GLY A 179 -38.46 38.28 -2.60
CA GLY A 179 -38.03 37.86 -1.28
C GLY A 179 -36.72 38.42 -0.74
N SER A 180 -36.67 38.57 0.61
CA SER A 180 -35.55 39.08 1.41
C SER A 180 -34.29 38.22 1.30
N GLU A 181 -34.47 36.90 1.07
CA GLU A 181 -33.40 35.92 0.92
C GLU A 181 -32.83 35.93 -0.52
N ASP A 182 -33.65 36.36 -1.50
CA ASP A 182 -33.22 36.42 -2.90
C ASP A 182 -32.93 37.85 -3.38
N CYS A 183 -31.65 38.26 -3.20
CA CYS A 183 -31.05 39.54 -3.58
C CYS A 183 -29.76 39.20 -4.33
N GLN A 184 -29.25 40.15 -5.12
CA GLN A 184 -28.01 39.96 -5.86
C GLN A 184 -26.87 40.59 -5.09
N THR A 185 -25.88 39.80 -4.72
CA THR A 185 -24.71 40.26 -3.99
C THR A 185 -23.59 40.63 -4.98
N LEU A 186 -23.03 41.84 -4.84
CA LEU A 186 -21.96 42.31 -5.73
C LEU A 186 -20.59 41.75 -5.30
N THR A 187 -19.92 41.03 -6.24
CA THR A 187 -18.62 40.38 -6.04
C THR A 187 -17.50 41.01 -6.87
N LYS A 188 -17.84 41.61 -8.03
CA LYS A 188 -16.86 42.22 -8.91
C LYS A 188 -16.39 43.58 -8.36
N THR A 189 -15.11 43.89 -8.62
CA THR A 189 -14.40 45.11 -8.22
C THR A 189 -13.35 45.52 -9.27
N ILE A 190 -12.78 46.72 -9.12
CA ILE A 190 -11.74 47.24 -10.00
C ILE A 190 -10.44 46.50 -9.63
N CYS A 191 -9.76 45.94 -10.64
CA CYS A 191 -8.53 45.21 -10.39
C CYS A 191 -7.29 46.02 -10.71
N ALA A 192 -6.26 45.86 -9.86
CA ALA A 192 -4.97 46.52 -10.01
C ALA A 192 -4.17 45.84 -11.14
N PRO A 193 -3.33 46.59 -11.91
CA PRO A 193 -2.58 45.97 -13.01
C PRO A 193 -1.48 44.98 -12.62
N GLN A 194 -1.59 44.44 -11.39
CA GLN A 194 -0.72 43.41 -10.82
C GLN A 194 -1.55 42.13 -10.63
N CYS A 195 -2.89 42.24 -10.81
CA CYS A 195 -3.87 41.16 -10.65
C CYS A 195 -4.28 40.50 -11.98
N ASN A 196 -4.12 41.22 -13.11
CA ASN A 196 -4.50 40.82 -14.48
C ASN A 196 -6.02 40.58 -14.63
N GLY A 197 -6.81 41.36 -13.87
CA GLY A 197 -8.28 41.29 -13.89
C GLY A 197 -8.86 40.17 -13.06
N HIS A 198 -8.12 39.73 -12.02
CA HIS A 198 -8.55 38.69 -11.08
C HIS A 198 -8.18 39.17 -9.67
N CYS A 199 -9.16 39.69 -8.92
CA CYS A 199 -8.97 40.23 -7.57
C CYS A 199 -10.25 40.15 -6.71
N PHE A 200 -10.11 40.12 -5.36
CA PHE A 200 -11.22 40.13 -4.40
C PHE A 200 -11.46 41.53 -3.83
N GLY A 201 -10.55 42.46 -4.14
CA GLY A 201 -10.56 43.87 -3.77
C GLY A 201 -9.65 44.72 -4.65
N PRO A 202 -9.70 46.07 -4.57
CA PRO A 202 -8.86 46.90 -5.45
C PRO A 202 -7.36 46.96 -5.18
N ASN A 203 -6.95 46.73 -3.92
CA ASN A 203 -5.54 46.79 -3.49
C ASN A 203 -4.61 45.81 -4.22
N PRO A 204 -3.35 46.23 -4.55
CA PRO A 204 -2.43 45.35 -5.28
C PRO A 204 -2.09 44.04 -4.60
N ASN A 205 -2.28 43.96 -3.26
CA ASN A 205 -2.03 42.76 -2.46
C ASN A 205 -3.21 41.78 -2.54
N GLN A 206 -4.43 42.32 -2.84
CA GLN A 206 -5.72 41.61 -2.94
C GLN A 206 -5.92 40.80 -4.24
N CYS A 207 -4.83 40.36 -4.91
CA CYS A 207 -4.93 39.61 -6.16
C CYS A 207 -5.47 38.20 -5.96
N CYS A 208 -5.97 37.60 -7.04
CA CYS A 208 -6.55 36.26 -7.01
C CYS A 208 -5.52 35.15 -7.10
N HIS A 209 -5.96 33.92 -6.83
CA HIS A 209 -5.09 32.77 -6.96
C HIS A 209 -4.98 32.38 -8.43
N ASP A 210 -3.78 31.92 -8.81
CA ASP A 210 -3.42 31.49 -10.17
C ASP A 210 -4.41 30.49 -10.77
N GLU A 211 -5.03 29.66 -9.92
CA GLU A 211 -5.96 28.64 -10.38
C GLU A 211 -7.44 29.09 -10.48
N CYS A 212 -7.76 30.37 -10.18
CA CYS A 212 -9.16 30.82 -10.35
C CYS A 212 -9.30 31.17 -11.81
N ALA A 213 -10.38 30.68 -12.44
CA ALA A 213 -10.72 31.00 -13.83
C ALA A 213 -11.35 32.41 -13.85
N GLY A 214 -11.98 32.79 -12.73
CA GLY A 214 -12.61 34.08 -12.54
C GLY A 214 -12.26 34.85 -11.28
N GLY A 215 -13.28 35.04 -10.43
CA GLY A 215 -13.20 35.83 -9.21
C GLY A 215 -12.78 35.13 -7.93
N CYS A 216 -12.78 35.92 -6.83
CA CYS A 216 -12.33 35.56 -5.49
C CYS A 216 -13.28 35.89 -4.37
N SER A 217 -13.03 35.21 -3.25
CA SER A 217 -13.60 35.41 -1.93
C SER A 217 -12.40 35.95 -1.14
N GLY A 218 -11.24 35.34 -1.38
CA GLY A 218 -9.96 35.67 -0.77
C GLY A 218 -8.77 35.23 -1.62
N PRO A 219 -7.54 35.17 -1.04
CA PRO A 219 -6.37 34.82 -1.86
C PRO A 219 -6.08 33.32 -2.01
N GLN A 220 -6.49 32.50 -1.04
CA GLN A 220 -6.26 31.04 -1.05
C GLN A 220 -6.86 30.32 -2.27
N ASP A 221 -6.28 29.14 -2.60
CA ASP A 221 -6.63 28.26 -3.72
C ASP A 221 -8.05 27.69 -3.65
N THR A 222 -8.71 27.83 -2.49
CA THR A 222 -10.08 27.35 -2.25
C THR A 222 -11.10 28.42 -2.64
N ASP A 223 -10.78 29.70 -2.35
CA ASP A 223 -11.59 30.92 -2.54
C ASP A 223 -12.07 31.24 -3.98
N CYS A 224 -11.79 30.35 -4.95
CA CYS A 224 -12.15 30.53 -6.36
C CYS A 224 -13.62 30.31 -6.63
N PHE A 225 -14.20 31.04 -7.60
CA PHE A 225 -15.60 30.81 -7.98
C PHE A 225 -15.65 29.73 -9.04
N ALA A 226 -14.54 29.56 -9.78
CA ALA A 226 -14.36 28.53 -10.82
C ALA A 226 -12.88 28.15 -10.92
N CYS A 227 -12.60 26.87 -11.16
CA CYS A 227 -11.22 26.41 -11.28
C CYS A 227 -10.75 26.47 -12.72
N ARG A 228 -9.52 27.00 -12.91
CA ARG A 228 -8.90 27.08 -14.21
C ARG A 228 -8.67 25.65 -14.72
N HIS A 229 -8.08 24.76 -13.89
CA HIS A 229 -7.82 23.41 -14.31
C HIS A 229 -8.66 22.37 -13.58
N PHE A 230 -8.31 21.99 -12.33
CA PHE A 230 -9.02 20.95 -11.57
C PHE A 230 -9.48 21.33 -10.18
N ASN A 231 -10.51 20.60 -9.66
CA ASN A 231 -11.03 20.81 -8.32
C ASN A 231 -10.78 19.60 -7.40
N ASP A 232 -9.63 19.62 -6.70
CA ASP A 232 -9.35 18.54 -5.76
C ASP A 232 -9.97 18.88 -4.42
N SER A 233 -11.25 18.52 -4.30
CA SER A 233 -12.07 18.69 -3.10
C SER A 233 -11.97 20.10 -2.49
N GLY A 234 -12.58 21.07 -3.19
CA GLY A 234 -12.64 22.46 -2.76
C GLY A 234 -11.55 23.38 -3.26
N ALA A 235 -10.32 22.88 -3.31
CA ALA A 235 -9.18 23.67 -3.76
C ALA A 235 -8.90 23.48 -5.25
N CYS A 236 -8.80 24.61 -5.97
CA CYS A 236 -8.50 24.59 -7.39
C CYS A 236 -7.02 24.36 -7.58
N VAL A 237 -6.70 23.25 -8.23
CA VAL A 237 -5.34 22.75 -8.44
C VAL A 237 -5.03 22.53 -9.92
N PRO A 238 -3.75 22.59 -10.36
CA PRO A 238 -3.46 22.34 -11.78
C PRO A 238 -3.49 20.85 -12.10
N ARG A 239 -2.86 20.06 -11.22
CA ARG A 239 -2.71 18.62 -11.34
C ARG A 239 -3.51 17.87 -10.29
N CYS A 240 -4.14 16.80 -10.73
CA CYS A 240 -4.87 15.87 -9.90
C CYS A 240 -3.77 15.03 -9.17
N PRO A 241 -3.88 14.76 -7.83
CA PRO A 241 -2.83 13.98 -7.12
C PRO A 241 -2.21 12.81 -7.88
N GLN A 242 -0.87 12.95 -8.17
CA GLN A 242 0.02 12.05 -8.93
C GLN A 242 -0.13 10.55 -8.53
N PRO A 243 -0.21 9.60 -9.49
CA PRO A 243 -0.43 8.19 -9.13
C PRO A 243 0.75 7.46 -8.49
N LEU A 244 2.00 7.80 -8.90
CA LEU A 244 3.23 7.23 -8.35
C LEU A 244 4.04 8.33 -7.69
N VAL A 245 4.80 7.95 -6.69
CA VAL A 245 5.57 8.84 -5.85
C VAL A 245 6.86 8.09 -5.41
N TYR A 246 8.02 8.76 -5.48
CA TYR A 246 9.26 8.11 -5.09
C TYR A 246 9.21 7.83 -3.60
N ASN A 247 9.49 6.57 -3.23
CA ASN A 247 9.55 6.06 -1.86
C ASN A 247 11.01 5.98 -1.45
N LYS A 248 11.37 6.69 -0.39
CA LYS A 248 12.74 6.74 0.12
C LYS A 248 13.23 5.38 0.64
N LEU A 249 12.36 4.61 1.37
CA LEU A 249 12.66 3.28 1.93
C LEU A 249 12.79 2.23 0.87
N THR A 250 11.92 2.27 -0.14
CA THR A 250 11.87 1.28 -1.22
C THR A 250 12.85 1.63 -2.39
N PHE A 251 13.31 2.92 -2.46
CA PHE A 251 14.25 3.44 -3.46
C PHE A 251 13.72 3.36 -4.88
N GLN A 252 12.44 3.70 -5.06
CA GLN A 252 11.75 3.66 -6.37
C GLN A 252 10.33 4.34 -6.37
N LEU A 253 9.68 4.42 -7.54
CA LEU A 253 8.32 4.94 -7.61
C LEU A 253 7.36 3.85 -7.14
N GLU A 254 6.42 4.30 -6.30
CA GLU A 254 5.40 3.51 -5.66
C GLU A 254 4.03 4.18 -5.74
N PRO A 255 2.96 3.41 -5.82
CA PRO A 255 1.63 4.00 -5.81
C PRO A 255 1.43 4.99 -4.66
N ASN A 256 1.03 6.23 -4.99
CA ASN A 256 0.78 7.27 -4.01
C ASN A 256 -0.53 7.04 -3.26
N PRO A 257 -0.48 6.97 -1.91
CA PRO A 257 -1.72 6.75 -1.15
C PRO A 257 -2.66 7.95 -1.12
N HIS A 258 -2.36 9.00 -1.90
CA HIS A 258 -3.18 10.21 -1.92
C HIS A 258 -3.80 10.50 -3.30
N THR A 259 -3.56 9.56 -4.23
CA THR A 259 -4.00 9.56 -5.63
C THR A 259 -5.46 9.82 -5.82
N LYS A 260 -5.74 10.69 -6.78
CA LYS A 260 -7.06 11.04 -7.24
C LYS A 260 -6.98 11.04 -8.77
N TYR A 261 -8.12 10.70 -9.37
CA TYR A 261 -8.32 10.55 -10.81
C TYR A 261 -9.12 11.69 -11.39
N GLN A 262 -8.84 12.02 -12.67
CA GLN A 262 -9.49 13.10 -13.40
C GLN A 262 -10.91 12.74 -13.95
N TYR A 263 -11.95 12.75 -13.10
CA TYR A 263 -13.32 12.52 -13.56
C TYR A 263 -13.93 13.87 -13.91
N GLY A 264 -13.83 14.23 -15.19
CA GLY A 264 -14.23 15.54 -15.68
C GLY A 264 -13.16 16.53 -15.24
N GLY A 265 -13.59 17.61 -14.61
CA GLY A 265 -12.66 18.63 -14.09
C GLY A 265 -12.44 18.55 -12.60
N VAL A 266 -12.94 17.45 -11.98
CA VAL A 266 -12.92 17.17 -10.54
C VAL A 266 -11.94 16.06 -10.25
N CYS A 267 -11.26 16.15 -9.10
CA CYS A 267 -10.36 15.11 -8.62
C CYS A 267 -11.15 14.13 -7.74
N VAL A 268 -11.17 12.85 -8.15
CA VAL A 268 -11.94 11.82 -7.47
C VAL A 268 -11.06 10.68 -6.93
N ALA A 269 -11.24 10.34 -5.67
CA ALA A 269 -10.47 9.27 -5.02
C ALA A 269 -10.80 7.93 -5.65
N SER A 270 -12.11 7.65 -5.81
CA SER A 270 -12.66 6.44 -6.41
C SER A 270 -13.24 6.80 -7.74
N CYS A 271 -13.26 5.85 -8.67
CA CYS A 271 -13.84 6.04 -9.98
C CYS A 271 -15.34 5.76 -9.86
N PRO A 272 -16.22 6.51 -10.57
CA PRO A 272 -17.67 6.29 -10.41
C PRO A 272 -18.20 4.96 -10.95
N HIS A 273 -19.51 4.69 -10.68
CA HIS A 273 -20.29 3.52 -11.10
C HIS A 273 -19.92 3.07 -12.53
N ASN A 274 -19.22 1.91 -12.62
CA ASN A 274 -18.71 1.29 -13.86
C ASN A 274 -17.91 2.27 -14.74
N PHE A 275 -16.77 2.72 -14.19
CA PHE A 275 -15.79 3.61 -14.81
C PHE A 275 -14.43 3.06 -14.45
N VAL A 276 -13.63 2.70 -15.47
CA VAL A 276 -12.31 2.12 -15.20
C VAL A 276 -11.20 3.19 -15.23
N VAL A 277 -10.30 3.13 -14.25
CA VAL A 277 -9.16 4.04 -14.13
C VAL A 277 -8.16 3.68 -15.22
N ASP A 278 -7.68 4.69 -15.96
CA ASP A 278 -6.67 4.54 -17.01
C ASP A 278 -5.71 5.70 -16.89
N GLN A 279 -4.39 5.39 -16.84
CA GLN A 279 -3.29 6.36 -16.67
C GLN A 279 -3.46 7.15 -15.34
N THR A 280 -4.28 8.21 -15.36
CA THR A 280 -4.53 9.09 -14.21
C THR A 280 -5.98 9.63 -14.21
N SER A 281 -6.74 9.36 -15.27
CA SER A 281 -8.10 9.85 -15.44
C SER A 281 -9.18 8.77 -15.42
N CYS A 282 -10.37 9.12 -14.91
CA CYS A 282 -11.52 8.21 -14.87
C CYS A 282 -12.11 8.09 -16.28
N VAL A 283 -12.12 6.85 -16.84
CA VAL A 283 -12.57 6.57 -18.22
C VAL A 283 -13.77 5.59 -18.26
N ARG A 284 -14.62 5.72 -19.31
CA ARG A 284 -15.80 4.90 -19.59
C ARG A 284 -15.42 3.47 -20.03
N ALA A 285 -14.40 3.33 -20.91
CA ALA A 285 -13.91 2.04 -21.44
C ALA A 285 -12.39 1.97 -21.53
N CYS A 286 -11.85 0.75 -21.48
CA CYS A 286 -10.41 0.47 -21.50
C CYS A 286 -9.79 0.63 -22.90
N PRO A 287 -8.59 1.26 -23.05
CA PRO A 287 -7.96 1.36 -24.39
C PRO A 287 -7.45 0.00 -24.91
N PRO A 288 -7.21 -0.18 -26.24
CA PRO A 288 -6.75 -1.49 -26.75
C PRO A 288 -5.45 -2.01 -26.13
N ASP A 289 -4.50 -1.10 -25.85
CA ASP A 289 -3.18 -1.34 -25.25
C ASP A 289 -3.23 -1.88 -23.80
N LYS A 290 -4.36 -1.69 -23.11
CA LYS A 290 -4.56 -2.09 -21.72
C LYS A 290 -5.75 -3.04 -21.52
N MET A 291 -5.89 -3.61 -20.30
CA MET A 291 -6.96 -4.55 -19.94
C MET A 291 -7.58 -4.23 -18.59
N GLU A 292 -8.92 -4.42 -18.45
CA GLU A 292 -9.66 -4.18 -17.20
C GLU A 292 -9.32 -5.24 -16.15
N VAL A 293 -8.86 -4.80 -14.97
CA VAL A 293 -8.46 -5.68 -13.87
C VAL A 293 -8.81 -5.07 -12.51
N ASP A 294 -9.42 -5.88 -11.61
CA ASP A 294 -9.73 -5.43 -10.26
C ASP A 294 -8.50 -5.63 -9.38
N LYS A 295 -8.23 -4.65 -8.54
CA LYS A 295 -7.15 -4.63 -7.56
C LYS A 295 -7.50 -3.60 -6.50
N ASN A 296 -7.74 -4.09 -5.27
CA ASN A 296 -8.10 -3.28 -4.08
C ASN A 296 -9.48 -2.57 -4.24
N GLY A 297 -10.43 -3.28 -4.86
CA GLY A 297 -11.80 -2.82 -5.10
C GLY A 297 -12.02 -1.96 -6.33
N LEU A 298 -10.96 -1.27 -6.78
CA LEU A 298 -10.97 -0.38 -7.94
C LEU A 298 -10.59 -1.12 -9.22
N LYS A 299 -11.30 -0.82 -10.30
CA LYS A 299 -11.06 -1.42 -11.60
C LYS A 299 -10.12 -0.52 -12.39
N MET A 300 -8.89 -1.01 -12.65
CA MET A 300 -7.84 -0.25 -13.34
C MET A 300 -7.47 -0.89 -14.68
N CYS A 301 -6.90 -0.08 -15.60
CA CYS A 301 -6.47 -0.52 -16.93
C CYS A 301 -4.97 -0.83 -17.00
N GLU A 302 -4.60 -2.09 -16.67
CA GLU A 302 -3.22 -2.57 -16.67
C GLU A 302 -2.67 -2.73 -18.11
N PRO A 303 -1.42 -2.27 -18.41
CA PRO A 303 -0.86 -2.49 -19.75
C PRO A 303 -0.61 -3.97 -20.01
N CYS A 304 -0.81 -4.40 -21.26
CA CYS A 304 -0.62 -5.79 -21.62
C CYS A 304 0.85 -6.13 -21.82
N GLY A 305 1.61 -5.19 -22.39
CA GLY A 305 3.03 -5.36 -22.68
C GLY A 305 3.23 -6.06 -24.01
N GLY A 306 2.21 -5.98 -24.86
CA GLY A 306 2.19 -6.58 -26.18
C GLY A 306 0.78 -6.87 -26.64
N LEU A 307 0.39 -8.16 -26.57
CA LEU A 307 -0.93 -8.63 -26.97
C LEU A 307 -1.87 -8.79 -25.80
N CYS A 308 -3.10 -8.29 -25.97
CA CYS A 308 -4.15 -8.34 -24.97
C CYS A 308 -5.09 -9.53 -25.25
N PRO A 309 -5.64 -10.20 -24.21
CA PRO A 309 -6.53 -11.35 -24.47
C PRO A 309 -7.76 -11.01 -25.30
N LYS A 310 -7.90 -11.72 -26.44
CA LYS A 310 -9.00 -11.56 -27.40
C LYS A 310 -9.69 -12.91 -27.64
N ALA A 311 -11.03 -12.88 -27.79
CA ALA A 311 -11.84 -14.08 -28.05
C ALA A 311 -12.59 -14.00 -29.37
N CYS A 312 -12.37 -15.00 -30.25
CA CYS A 312 -13.02 -15.14 -31.56
C CYS A 312 -13.92 -16.38 -31.54
N GLU A 313 -15.02 -16.35 -32.30
CA GLU A 313 -16.00 -17.44 -32.38
C GLU A 313 -15.39 -18.78 -32.84
N GLY A 314 -15.08 -18.92 -34.13
CA GLY A 314 -14.51 -20.15 -34.67
C GLY A 314 -15.39 -20.85 -35.70
N THR A 315 -14.98 -22.07 -36.12
CA THR A 315 -15.67 -22.89 -37.13
C THR A 315 -16.27 -24.18 -36.51
N GLY A 316 -16.68 -25.11 -37.38
CA GLY A 316 -17.27 -26.37 -36.96
C GLY A 316 -18.74 -26.25 -36.58
N SER A 317 -19.27 -27.29 -35.90
CA SER A 317 -20.67 -27.35 -35.46
C SER A 317 -21.01 -26.24 -34.45
N GLY A 318 -22.23 -25.71 -34.59
CA GLY A 318 -22.74 -24.60 -33.78
C GLY A 318 -22.41 -23.25 -34.38
N SER A 319 -21.27 -23.16 -35.08
CA SER A 319 -20.73 -21.95 -35.72
C SER A 319 -21.27 -21.75 -37.13
N ARG A 320 -21.35 -20.47 -37.55
CA ARG A 320 -21.82 -20.06 -38.88
C ARG A 320 -20.89 -20.58 -39.97
N PHE A 321 -19.57 -20.37 -39.80
CA PHE A 321 -18.51 -20.74 -40.73
C PHE A 321 -18.12 -22.21 -40.62
N GLN A 322 -17.88 -22.85 -41.78
CA GLN A 322 -17.53 -24.28 -41.93
C GLN A 322 -16.02 -24.52 -41.96
N THR A 323 -15.26 -23.68 -42.71
CA THR A 323 -13.81 -23.76 -42.89
C THR A 323 -13.15 -22.37 -42.88
N VAL A 324 -11.85 -22.31 -42.47
CA VAL A 324 -11.08 -21.07 -42.42
C VAL A 324 -10.84 -20.60 -43.86
N ASP A 325 -11.73 -19.72 -44.32
CA ASP A 325 -11.74 -19.19 -45.68
C ASP A 325 -11.19 -17.77 -45.76
N SER A 326 -10.78 -17.37 -46.98
CA SER A 326 -10.21 -16.06 -47.32
C SER A 326 -10.98 -14.85 -46.76
N SER A 327 -12.29 -15.02 -46.50
CA SER A 327 -13.13 -13.95 -45.96
C SER A 327 -13.18 -13.92 -44.43
N ASN A 328 -13.40 -15.09 -43.78
CA ASN A 328 -13.49 -15.18 -42.31
C ASN A 328 -12.15 -15.04 -41.58
N ILE A 329 -11.03 -15.46 -42.23
CA ILE A 329 -9.66 -15.47 -41.69
C ILE A 329 -9.25 -14.14 -41.03
N ASP A 330 -9.58 -12.99 -41.66
CA ASP A 330 -9.25 -11.66 -41.15
C ASP A 330 -9.87 -11.34 -39.77
N GLY A 331 -10.92 -12.08 -39.40
CA GLY A 331 -11.61 -11.95 -38.12
C GLY A 331 -11.03 -12.83 -37.03
N PHE A 332 -9.69 -12.99 -37.05
CA PHE A 332 -8.91 -13.80 -36.10
C PHE A 332 -7.61 -13.08 -35.74
N VAL A 333 -7.44 -11.85 -36.26
CA VAL A 333 -6.27 -11.01 -36.01
C VAL A 333 -6.19 -10.64 -34.52
N ASN A 334 -4.98 -10.77 -33.94
CA ASN A 334 -4.69 -10.49 -32.52
C ASN A 334 -5.43 -11.45 -31.54
N CYS A 335 -6.10 -12.50 -32.08
CA CYS A 335 -6.85 -13.48 -31.29
C CYS A 335 -5.96 -14.51 -30.60
N THR A 336 -5.91 -14.43 -29.27
CA THR A 336 -5.10 -15.29 -28.40
C THR A 336 -5.82 -16.58 -28.01
N LYS A 337 -7.16 -16.55 -27.94
CA LYS A 337 -7.96 -17.72 -27.61
C LYS A 337 -9.25 -17.74 -28.41
N ILE A 338 -9.50 -18.88 -29.10
CA ILE A 338 -10.71 -19.13 -29.90
C ILE A 338 -11.74 -19.88 -29.07
N LEU A 339 -12.94 -19.30 -28.93
CA LEU A 339 -14.07 -19.86 -28.18
C LEU A 339 -14.88 -20.80 -29.10
N GLY A 340 -14.19 -21.80 -29.64
CA GLY A 340 -14.77 -22.78 -30.54
C GLY A 340 -13.75 -23.69 -31.18
N ASN A 341 -13.91 -23.94 -32.49
CA ASN A 341 -13.05 -24.84 -33.26
C ASN A 341 -12.37 -24.14 -34.43
N LEU A 342 -11.40 -24.85 -35.06
CA LEU A 342 -10.66 -24.40 -36.25
C LEU A 342 -10.63 -25.53 -37.29
N ASP A 343 -11.15 -25.25 -38.49
CA ASP A 343 -11.24 -26.20 -39.58
C ASP A 343 -10.51 -25.70 -40.83
N PHE A 344 -9.44 -26.40 -41.22
CA PHE A 344 -8.64 -26.11 -42.41
C PHE A 344 -8.97 -27.12 -43.51
N LEU A 345 -10.02 -26.82 -44.27
CA LEU A 345 -10.51 -27.65 -45.36
C LEU A 345 -10.10 -27.08 -46.71
N ILE A 346 -10.09 -27.95 -47.72
CA ILE A 346 -9.74 -27.67 -49.12
C ILE A 346 -10.66 -26.60 -49.73
N THR A 347 -11.95 -26.58 -49.32
CA THR A 347 -12.97 -25.62 -49.77
C THR A 347 -12.63 -24.18 -49.43
N GLY A 348 -12.01 -23.97 -48.26
CA GLY A 348 -11.58 -22.66 -47.76
C GLY A 348 -10.20 -22.27 -48.21
N LEU A 349 -9.31 -23.27 -48.32
CA LEU A 349 -7.92 -23.10 -48.77
C LEU A 349 -7.84 -22.77 -50.28
N ASN A 350 -8.58 -23.53 -51.12
CA ASN A 350 -8.64 -23.34 -52.58
C ASN A 350 -9.79 -22.42 -53.04
N GLY A 351 -10.70 -22.07 -52.12
CA GLY A 351 -11.81 -21.17 -52.39
C GLY A 351 -12.99 -21.80 -53.08
N ASP A 352 -14.22 -21.49 -52.58
CA ASP A 352 -15.50 -21.98 -53.11
C ASP A 352 -16.14 -20.98 -54.12
N PRO A 353 -16.17 -21.31 -55.43
CA PRO A 353 -16.72 -20.35 -56.41
C PRO A 353 -18.26 -20.39 -56.59
N TRP A 354 -18.94 -21.31 -55.88
CA TRP A 354 -20.40 -21.45 -55.91
C TRP A 354 -21.02 -20.26 -55.15
N HIS A 355 -20.36 -19.84 -54.06
CA HIS A 355 -20.78 -18.71 -53.21
C HIS A 355 -19.68 -17.63 -53.25
N LYS A 356 -19.02 -17.52 -54.43
CA LYS A 356 -17.93 -16.62 -54.85
C LYS A 356 -16.97 -16.22 -53.72
N ILE A 357 -16.33 -17.24 -53.12
CA ILE A 357 -15.30 -17.10 -52.08
C ILE A 357 -13.96 -17.39 -52.76
N PRO A 358 -12.98 -16.46 -52.71
CA PRO A 358 -11.68 -16.72 -53.38
C PRO A 358 -10.77 -17.68 -52.59
N ALA A 359 -9.64 -18.05 -53.19
CA ALA A 359 -8.68 -18.94 -52.54
C ALA A 359 -8.00 -18.21 -51.37
N LEU A 360 -7.57 -18.98 -50.36
CA LEU A 360 -6.90 -18.43 -49.19
C LEU A 360 -5.42 -18.11 -49.48
N ASP A 361 -4.98 -16.89 -49.10
CA ASP A 361 -3.58 -16.44 -49.25
C ASP A 361 -2.78 -17.12 -48.12
N PRO A 362 -1.66 -17.83 -48.43
CA PRO A 362 -0.90 -18.52 -47.37
C PRO A 362 -0.27 -17.55 -46.36
N GLU A 363 0.16 -16.37 -46.85
CA GLU A 363 0.75 -15.34 -46.00
C GLU A 363 -0.27 -14.77 -45.02
N LYS A 364 -1.57 -15.03 -45.28
CA LYS A 364 -2.67 -14.63 -44.42
C LYS A 364 -2.92 -15.64 -43.28
N LEU A 365 -2.30 -16.84 -43.37
CA LEU A 365 -2.38 -17.87 -42.33
C LEU A 365 -1.53 -17.50 -41.10
N ASN A 366 -0.69 -16.46 -41.25
CA ASN A 366 0.22 -15.96 -40.21
C ASN A 366 -0.52 -15.24 -39.08
N VAL A 367 -1.86 -15.23 -39.14
CA VAL A 367 -2.73 -14.63 -38.12
C VAL A 367 -2.92 -15.55 -36.90
N PHE A 368 -2.46 -16.81 -37.02
CA PHE A 368 -2.55 -17.82 -35.97
C PHE A 368 -1.27 -17.93 -35.13
N ARG A 369 -0.26 -17.11 -35.47
CA ARG A 369 1.02 -17.04 -34.74
C ARG A 369 0.85 -16.44 -33.33
N THR A 370 -0.39 -15.97 -33.02
CA THR A 370 -0.81 -15.36 -31.75
C THR A 370 -1.70 -16.30 -30.91
N VAL A 371 -2.32 -17.30 -31.56
CA VAL A 371 -3.21 -18.30 -30.94
C VAL A 371 -2.43 -19.13 -29.92
N ARG A 372 -2.96 -19.22 -28.70
CA ARG A 372 -2.36 -19.97 -27.59
C ARG A 372 -3.28 -21.11 -27.13
N GLU A 373 -4.61 -20.89 -27.17
CA GLU A 373 -5.59 -21.87 -26.74
C GLU A 373 -6.79 -22.00 -27.66
N ILE A 374 -7.17 -23.24 -27.97
CA ILE A 374 -8.36 -23.56 -28.75
C ILE A 374 -9.27 -24.34 -27.79
N THR A 375 -10.45 -23.77 -27.50
CA THR A 375 -11.43 -24.37 -26.59
C THR A 375 -11.88 -25.75 -27.08
N GLY A 376 -12.11 -25.87 -28.40
CA GLY A 376 -12.54 -27.12 -29.04
C GLY A 376 -11.45 -27.89 -29.78
N TYR A 377 -11.68 -28.19 -31.08
CA TYR A 377 -10.74 -28.95 -31.89
C TYR A 377 -10.00 -28.12 -32.94
N LEU A 378 -8.99 -28.75 -33.57
CA LEU A 378 -8.15 -28.22 -34.66
C LEU A 378 -8.04 -29.29 -35.75
N ASN A 379 -8.83 -29.11 -36.83
CA ASN A 379 -8.89 -30.02 -37.99
C ASN A 379 -8.12 -29.41 -39.15
N ILE A 380 -7.05 -30.10 -39.60
CA ILE A 380 -6.20 -29.66 -40.70
C ILE A 380 -6.11 -30.77 -41.74
N GLN A 381 -6.91 -30.67 -42.80
CA GLN A 381 -6.90 -31.66 -43.86
C GLN A 381 -6.28 -31.07 -45.13
N SER A 382 -6.09 -29.75 -45.15
CA SER A 382 -5.52 -28.99 -46.26
C SER A 382 -4.55 -27.94 -45.71
N TRP A 383 -3.45 -27.67 -46.45
CA TRP A 383 -2.41 -26.71 -46.07
C TRP A 383 -1.57 -26.35 -47.32
N PRO A 384 -1.06 -25.09 -47.46
CA PRO A 384 -0.28 -24.74 -48.66
C PRO A 384 0.90 -25.66 -48.99
N PRO A 385 1.25 -25.81 -50.29
CA PRO A 385 2.35 -26.72 -50.64
C PRO A 385 3.75 -26.26 -50.28
N HIS A 386 3.95 -24.93 -50.16
CA HIS A 386 5.24 -24.34 -49.83
C HIS A 386 5.40 -24.18 -48.31
N MET A 387 4.30 -24.36 -47.57
CA MET A 387 4.27 -24.34 -46.11
C MET A 387 4.40 -25.82 -45.65
N HIS A 388 5.64 -26.22 -45.28
CA HIS A 388 6.00 -27.59 -44.93
C HIS A 388 5.85 -27.97 -43.47
N ASN A 389 5.35 -27.05 -42.65
CA ASN A 389 5.22 -27.24 -41.21
C ASN A 389 4.06 -26.35 -40.68
N PHE A 390 3.52 -26.65 -39.48
CA PHE A 390 2.45 -25.83 -38.90
C PHE A 390 3.05 -24.75 -37.98
N SER A 391 4.13 -24.10 -38.48
CA SER A 391 4.91 -23.00 -37.87
C SER A 391 4.04 -21.84 -37.39
N VAL A 392 2.84 -21.65 -37.97
CA VAL A 392 1.95 -20.59 -37.53
C VAL A 392 1.36 -20.95 -36.17
N PHE A 393 1.13 -22.26 -35.93
CA PHE A 393 0.62 -22.75 -34.66
C PHE A 393 1.76 -23.02 -33.64
N SER A 394 2.77 -22.14 -33.64
CA SER A 394 3.93 -22.22 -32.73
C SER A 394 3.55 -21.80 -31.32
N ASN A 395 2.86 -20.61 -31.15
CA ASN A 395 2.45 -20.10 -29.83
C ASN A 395 1.32 -20.93 -29.18
N LEU A 396 0.76 -21.92 -29.91
CA LEU A 396 -0.28 -22.83 -29.40
C LEU A 396 0.34 -23.75 -28.32
N THR A 397 -0.17 -23.67 -27.09
CA THR A 397 0.31 -24.43 -25.93
C THR A 397 -0.70 -25.47 -25.45
N THR A 398 -2.00 -25.12 -25.40
CA THR A 398 -3.06 -26.03 -24.91
C THR A 398 -4.29 -26.08 -25.82
N ILE A 399 -4.89 -27.28 -25.97
CA ILE A 399 -6.10 -27.56 -26.74
C ILE A 399 -7.11 -28.19 -25.77
N GLY A 400 -8.23 -27.48 -25.54
CA GLY A 400 -9.29 -27.89 -24.62
C GLY A 400 -10.02 -29.16 -25.00
N GLY A 401 -10.63 -29.15 -26.19
CA GLY A 401 -11.40 -30.28 -26.70
C GLY A 401 -12.79 -30.40 -26.11
N ARG A 402 -13.48 -29.25 -25.91
CA ARG A 402 -14.85 -29.19 -25.38
C ARG A 402 -15.84 -29.65 -26.46
N SER A 403 -15.49 -29.39 -27.73
CA SER A 403 -16.22 -29.80 -28.94
C SER A 403 -15.28 -30.66 -29.79
N LEU A 404 -15.77 -31.83 -30.26
CA LEU A 404 -14.94 -32.77 -31.01
C LEU A 404 -15.45 -33.12 -32.42
N TYR A 405 -14.51 -33.27 -33.37
CA TYR A 405 -14.74 -33.57 -34.78
C TYR A 405 -14.78 -35.08 -35.03
N ASN A 406 -15.58 -35.50 -36.03
CA ASN A 406 -15.75 -36.89 -36.52
C ASN A 406 -16.25 -37.87 -35.43
N ARG A 407 -15.37 -38.78 -34.93
CA ARG A 407 -15.69 -39.78 -33.91
C ARG A 407 -15.39 -39.30 -32.49
N GLY A 408 -14.82 -38.10 -32.38
CA GLY A 408 -14.43 -37.49 -31.11
C GLY A 408 -12.96 -37.13 -31.10
N PHE A 409 -12.50 -36.37 -32.12
CA PHE A 409 -11.12 -35.94 -32.32
C PHE A 409 -10.88 -34.48 -31.98
N SER A 410 -9.74 -34.20 -31.30
CA SER A 410 -9.31 -32.85 -30.90
C SER A 410 -8.20 -32.35 -31.83
N LEU A 411 -7.28 -33.25 -32.21
CA LEU A 411 -6.18 -32.96 -33.14
C LEU A 411 -6.32 -33.86 -34.37
N LEU A 412 -6.57 -33.23 -35.54
CA LEU A 412 -6.72 -33.93 -36.80
C LEU A 412 -5.78 -33.35 -37.86
N ILE A 413 -4.80 -34.16 -38.29
CA ILE A 413 -3.81 -33.81 -39.30
C ILE A 413 -3.74 -34.96 -40.34
N MET A 414 -4.56 -34.89 -41.40
CA MET A 414 -4.52 -35.93 -42.41
C MET A 414 -4.40 -35.38 -43.84
N LYS A 415 -4.04 -36.28 -44.79
CA LYS A 415 -3.84 -36.10 -46.24
C LYS A 415 -3.04 -34.83 -46.62
N ASN A 416 -1.99 -34.51 -45.84
CA ASN A 416 -1.13 -33.34 -46.09
C ASN A 416 0.22 -33.75 -46.72
N LEU A 417 0.18 -33.84 -48.06
CA LEU A 417 1.25 -34.26 -48.95
C LEU A 417 2.56 -33.51 -48.84
N ASN A 418 2.52 -32.23 -48.51
CA ASN A 418 3.75 -31.47 -48.46
C ASN A 418 4.10 -30.92 -47.04
N VAL A 419 3.70 -31.65 -45.98
CA VAL A 419 4.04 -31.37 -44.58
C VAL A 419 5.21 -32.32 -44.17
N THR A 420 6.37 -31.71 -43.86
CA THR A 420 7.63 -32.35 -43.47
C THR A 420 7.71 -32.54 -41.94
N SER A 421 7.33 -31.50 -41.19
CA SER A 421 7.39 -31.47 -39.73
C SER A 421 6.08 -30.97 -39.14
N LEU A 422 5.76 -31.40 -37.90
CA LEU A 422 4.55 -30.99 -37.19
C LEU A 422 4.61 -29.50 -36.82
N GLY A 423 5.76 -29.04 -36.36
CA GLY A 423 6.02 -27.65 -36.01
C GLY A 423 5.25 -27.03 -34.86
N PHE A 424 4.76 -27.86 -33.91
CA PHE A 424 4.02 -27.35 -32.75
C PHE A 424 4.94 -27.00 -31.56
N ARG A 425 6.08 -26.33 -31.88
CA ARG A 425 7.20 -25.89 -31.03
C ARG A 425 6.93 -25.82 -29.51
N SER A 426 5.85 -25.11 -29.08
CA SER A 426 5.57 -24.95 -27.65
C SER A 426 4.24 -25.59 -27.14
N LEU A 427 3.76 -26.67 -27.79
CA LEU A 427 2.55 -27.34 -27.27
C LEU A 427 2.93 -28.22 -26.09
N LYS A 428 2.22 -28.02 -24.97
CA LYS A 428 2.42 -28.76 -23.72
C LYS A 428 1.25 -29.68 -23.39
N GLU A 429 0.00 -29.27 -23.72
CA GLU A 429 -1.18 -30.06 -23.38
C GLU A 429 -2.31 -30.06 -24.41
N ILE A 430 -3.13 -31.13 -24.36
CA ILE A 430 -4.37 -31.38 -25.10
C ILE A 430 -5.26 -32.04 -24.03
N SER A 431 -6.13 -31.23 -23.38
CA SER A 431 -7.01 -31.63 -22.28
C SER A 431 -7.86 -32.88 -22.57
N ALA A 432 -8.68 -32.85 -23.63
CA ALA A 432 -9.55 -33.98 -24.01
C ALA A 432 -9.60 -34.21 -25.52
N GLY A 433 -9.88 -35.45 -25.93
CA GLY A 433 -10.02 -35.82 -27.34
C GLY A 433 -9.18 -36.99 -27.80
N ARG A 434 -9.08 -37.15 -29.14
CA ARG A 434 -8.33 -38.22 -29.80
C ARG A 434 -7.43 -37.63 -30.91
N ILE A 435 -6.24 -38.25 -31.09
CA ILE A 435 -5.19 -37.89 -32.06
C ILE A 435 -5.47 -38.53 -33.42
N TYR A 436 -5.30 -37.77 -34.52
CA TYR A 436 -5.45 -38.28 -35.88
C TYR A 436 -4.36 -37.73 -36.78
N ILE A 437 -3.36 -38.56 -37.08
CA ILE A 437 -2.23 -38.23 -37.93
C ILE A 437 -2.06 -39.35 -38.97
N SER A 438 -2.64 -39.14 -40.16
CA SER A 438 -2.62 -40.11 -41.26
C SER A 438 -2.39 -39.43 -42.62
N ALA A 439 -1.96 -40.22 -43.62
CA ALA A 439 -1.74 -39.85 -45.02
C ALA A 439 -0.82 -38.61 -45.27
N ASN A 440 0.10 -38.31 -44.34
CA ASN A 440 1.05 -37.21 -44.51
C ASN A 440 2.39 -37.87 -44.83
N ARG A 441 2.46 -38.55 -45.99
CA ARG A 441 3.60 -39.35 -46.48
C ARG A 441 4.97 -38.65 -46.45
N GLN A 442 5.03 -37.33 -46.18
CA GLN A 442 6.31 -36.61 -46.11
C GLN A 442 6.69 -36.20 -44.66
N LEU A 443 5.81 -36.49 -43.68
CA LEU A 443 5.95 -36.14 -42.25
C LEU A 443 6.86 -37.08 -41.45
N CYS A 444 7.84 -36.50 -40.74
CA CYS A 444 8.78 -37.20 -39.87
C CYS A 444 8.71 -36.62 -38.44
N TYR A 445 9.57 -37.11 -37.52
CA TYR A 445 9.77 -36.69 -36.13
C TYR A 445 8.64 -37.05 -35.15
N HIS A 446 7.42 -37.31 -35.66
CA HIS A 446 6.22 -37.69 -34.89
C HIS A 446 6.34 -39.05 -34.16
N HIS A 447 7.23 -39.92 -34.65
CA HIS A 447 7.50 -41.26 -34.12
C HIS A 447 7.98 -41.17 -32.69
N SER A 448 9.00 -40.32 -32.44
CA SER A 448 9.63 -40.09 -31.15
C SER A 448 8.72 -39.45 -30.08
N LEU A 449 7.63 -38.78 -30.49
CA LEU A 449 6.67 -38.07 -29.63
C LEU A 449 6.00 -38.93 -28.55
N ASN A 450 6.07 -38.46 -27.27
CA ASN A 450 5.50 -39.08 -26.09
C ASN A 450 4.13 -38.47 -25.80
N TRP A 451 3.11 -38.98 -26.51
CA TRP A 451 1.72 -38.55 -26.45
C TRP A 451 1.07 -38.73 -25.07
N THR A 452 1.61 -39.68 -24.27
CA THR A 452 1.18 -40.00 -22.89
C THR A 452 1.34 -38.79 -21.97
N LYS A 453 2.40 -37.99 -22.21
CA LYS A 453 2.76 -36.78 -21.47
C LYS A 453 1.98 -35.55 -21.95
N VAL A 454 1.55 -35.54 -23.22
CA VAL A 454 0.79 -34.42 -23.79
C VAL A 454 -0.70 -34.56 -23.47
N LEU A 455 -1.32 -35.70 -23.82
CA LEU A 455 -2.74 -36.00 -23.58
C LEU A 455 -2.96 -36.60 -22.17
N ARG A 456 -3.91 -36.01 -21.41
CA ARG A 456 -4.26 -36.44 -20.05
C ARG A 456 -5.07 -37.72 -20.07
N GLY A 457 -4.99 -38.49 -18.98
CA GLY A 457 -5.69 -39.76 -18.83
C GLY A 457 -5.11 -40.89 -19.66
N PRO A 458 -5.86 -41.99 -19.91
CA PRO A 458 -5.29 -43.08 -20.70
C PRO A 458 -5.29 -42.81 -22.21
N THR A 459 -4.12 -42.99 -22.85
CA THR A 459 -3.92 -42.81 -24.29
C THR A 459 -4.15 -44.13 -25.04
N GLU A 460 -4.44 -45.21 -24.27
CA GLU A 460 -4.71 -46.57 -24.73
C GLU A 460 -5.76 -46.58 -25.84
N GLU A 461 -5.36 -47.08 -27.03
CA GLU A 461 -6.15 -47.23 -28.26
C GLU A 461 -6.59 -45.90 -28.92
N ARG A 462 -6.80 -44.81 -28.13
CA ARG A 462 -7.27 -43.53 -28.67
C ARG A 462 -6.14 -42.65 -29.28
N LEU A 463 -5.17 -43.31 -29.94
CA LEU A 463 -4.04 -42.70 -30.65
C LEU A 463 -4.00 -43.24 -32.07
N ASP A 464 -4.11 -42.34 -33.05
CA ASP A 464 -4.08 -42.75 -34.45
C ASP A 464 -2.88 -42.15 -35.19
N ILE A 465 -1.89 -43.02 -35.50
CA ILE A 465 -0.67 -42.71 -36.24
C ILE A 465 -0.45 -43.88 -37.21
N LYS A 466 -0.69 -43.62 -38.51
CA LYS A 466 -0.58 -44.57 -39.61
C LYS A 466 -0.46 -43.86 -40.96
N HIS A 467 0.12 -44.55 -41.97
CA HIS A 467 0.30 -44.12 -43.36
C HIS A 467 1.08 -42.79 -43.57
N ASN A 468 1.98 -42.44 -42.62
CA ASN A 468 2.85 -41.26 -42.74
C ASN A 468 4.23 -41.77 -43.23
N ARG A 469 5.30 -40.96 -43.18
CA ARG A 469 6.64 -41.44 -43.58
C ARG A 469 7.21 -42.31 -42.45
N PRO A 470 7.65 -43.58 -42.69
CA PRO A 470 8.18 -44.40 -41.59
C PRO A 470 9.61 -44.05 -41.20
N ARG A 471 9.93 -44.18 -39.88
CA ARG A 471 11.23 -43.90 -39.25
C ARG A 471 12.43 -44.34 -40.10
N ARG A 472 12.37 -45.56 -40.67
CA ARG A 472 13.38 -46.16 -41.55
C ARG A 472 13.78 -45.16 -42.65
N ASP A 473 12.78 -44.57 -43.32
CA ASP A 473 12.99 -43.60 -44.39
C ASP A 473 13.36 -42.21 -43.86
N CYS A 474 12.99 -41.90 -42.60
CA CYS A 474 13.34 -40.62 -41.98
C CYS A 474 14.84 -40.60 -41.64
N VAL A 475 15.32 -41.65 -40.91
CA VAL A 475 16.70 -41.83 -40.46
C VAL A 475 17.69 -41.82 -41.64
N ALA A 476 17.37 -42.56 -42.73
CA ALA A 476 18.17 -42.68 -43.95
C ALA A 476 18.64 -41.34 -44.57
N GLU A 477 17.83 -40.26 -44.46
CA GLU A 477 18.17 -38.94 -45.01
C GLU A 477 18.82 -38.03 -43.96
N GLY A 478 18.58 -38.31 -42.68
CA GLY A 478 19.10 -37.56 -41.55
C GLY A 478 18.03 -36.80 -40.80
N LYS A 479 16.75 -37.23 -40.98
CA LYS A 479 15.57 -36.63 -40.36
C LYS A 479 15.30 -37.21 -38.97
N VAL A 480 16.11 -36.76 -37.99
CA VAL A 480 16.05 -37.16 -36.58
C VAL A 480 16.19 -35.95 -35.66
N CYS A 481 15.64 -36.06 -34.43
CA CYS A 481 15.67 -35.00 -33.42
C CYS A 481 17.08 -34.61 -32.99
N ASP A 482 17.23 -33.37 -32.48
CA ASP A 482 18.50 -32.81 -32.01
C ASP A 482 19.06 -33.59 -30.80
N PRO A 483 20.41 -33.67 -30.61
CA PRO A 483 20.94 -34.41 -29.45
C PRO A 483 20.60 -33.77 -28.10
N LEU A 484 20.21 -32.49 -28.13
CA LEU A 484 19.82 -31.70 -26.95
C LEU A 484 18.39 -32.05 -26.49
N CYS A 485 17.62 -32.74 -27.34
CA CYS A 485 16.25 -33.15 -27.06
C CYS A 485 16.16 -34.33 -26.10
N SER A 486 15.11 -34.34 -25.27
CA SER A 486 14.83 -35.36 -24.25
C SER A 486 14.23 -36.66 -24.83
N SER A 487 13.94 -37.63 -23.94
CA SER A 487 13.34 -38.94 -24.24
C SER A 487 11.93 -38.80 -24.86
N GLY A 488 11.22 -37.74 -24.46
CA GLY A 488 9.88 -37.41 -24.91
C GLY A 488 9.67 -37.18 -26.40
N GLY A 489 10.76 -36.92 -27.12
CA GLY A 489 10.73 -36.71 -28.56
C GLY A 489 10.88 -35.26 -29.00
N CYS A 490 10.40 -34.96 -30.21
CA CYS A 490 10.48 -33.62 -30.83
C CYS A 490 9.34 -33.33 -31.82
N TRP A 491 9.13 -32.04 -32.12
CA TRP A 491 8.13 -31.51 -33.05
C TRP A 491 8.66 -31.39 -34.49
N GLY A 492 9.99 -31.33 -34.64
CA GLY A 492 10.67 -31.20 -35.92
C GLY A 492 12.18 -31.13 -35.80
N PRO A 493 12.88 -30.55 -36.79
CA PRO A 493 14.35 -30.48 -36.72
C PRO A 493 14.89 -29.27 -35.96
N GLY A 494 16.13 -29.35 -35.51
CA GLY A 494 16.79 -28.28 -34.79
C GLY A 494 16.57 -28.30 -33.29
N PRO A 495 17.35 -27.49 -32.50
CA PRO A 495 17.18 -27.50 -31.04
C PRO A 495 15.90 -26.84 -30.53
N GLY A 496 15.35 -25.91 -31.32
CA GLY A 496 14.15 -25.17 -31.00
C GLY A 496 12.87 -26.00 -30.99
N GLN A 497 12.74 -26.93 -31.94
CA GLN A 497 11.57 -27.79 -32.10
C GLN A 497 11.45 -28.95 -31.08
N CYS A 498 11.99 -28.75 -29.87
CA CYS A 498 11.97 -29.73 -28.76
C CYS A 498 10.69 -29.68 -27.94
N LEU A 499 10.36 -30.80 -27.27
CA LEU A 499 9.21 -30.92 -26.36
C LEU A 499 9.67 -30.62 -24.94
N SER A 500 10.85 -31.13 -24.57
CA SER A 500 11.48 -30.91 -23.27
C SER A 500 13.00 -30.87 -23.45
N CYS A 501 13.67 -29.94 -22.73
CA CYS A 501 15.12 -29.76 -22.79
C CYS A 501 15.86 -30.68 -21.81
N ARG A 502 16.94 -31.35 -22.28
CA ARG A 502 17.78 -32.22 -21.45
C ARG A 502 18.53 -31.36 -20.43
N ASN A 503 19.27 -30.35 -20.90
CA ASN A 503 19.99 -29.42 -20.05
C ASN A 503 19.12 -28.15 -19.86
N TYR A 504 19.50 -27.02 -20.46
CA TYR A 504 18.76 -25.75 -20.32
C TYR A 504 17.96 -25.37 -21.57
N SER A 505 17.02 -24.42 -21.41
CA SER A 505 16.19 -23.88 -22.48
C SER A 505 16.49 -22.38 -22.59
N ARG A 506 16.68 -21.88 -23.80
CA ARG A 506 16.92 -20.46 -24.06
C ARG A 506 15.54 -19.83 -24.35
N GLY A 507 15.29 -19.37 -25.58
CA GLY A 507 14.01 -18.79 -25.97
C GLY A 507 13.13 -19.84 -26.61
N GLY A 508 13.14 -21.03 -26.02
CA GLY A 508 12.44 -22.21 -26.52
C GLY A 508 13.42 -23.17 -27.15
N VAL A 509 14.62 -22.67 -27.47
CA VAL A 509 15.75 -23.38 -28.08
C VAL A 509 16.54 -24.10 -26.98
N CYS A 510 16.77 -25.42 -27.12
CA CYS A 510 17.55 -26.18 -26.14
C CYS A 510 19.03 -25.83 -26.24
N VAL A 511 19.61 -25.43 -25.11
CA VAL A 511 21.02 -25.06 -24.98
C VAL A 511 21.72 -25.91 -23.93
N THR A 512 23.06 -25.99 -24.02
CA THR A 512 23.90 -26.76 -23.10
C THR A 512 24.00 -26.07 -21.72
N HIS A 513 24.27 -24.75 -21.72
CA HIS A 513 24.44 -23.92 -20.53
C HIS A 513 23.89 -22.51 -20.76
N CYS A 514 23.56 -21.78 -19.68
CA CYS A 514 23.17 -20.38 -19.82
C CYS A 514 24.51 -19.63 -19.78
N ASN A 515 24.55 -18.37 -20.24
CA ASN A 515 25.77 -17.55 -20.21
C ASN A 515 26.01 -17.06 -18.76
N PHE A 516 26.43 -18.00 -17.88
CA PHE A 516 26.66 -17.77 -16.46
C PHE A 516 27.95 -17.02 -16.14
N LEU A 517 29.12 -17.62 -16.49
CA LEU A 517 30.46 -17.08 -16.21
C LEU A 517 31.23 -16.69 -17.48
N ASN A 518 30.50 -16.53 -18.61
CA ASN A 518 31.02 -16.16 -19.94
C ASN A 518 29.87 -15.69 -20.84
N GLY A 519 30.18 -15.24 -22.06
CA GLY A 519 29.17 -14.84 -23.03
C GLY A 519 28.74 -13.39 -23.08
N GLU A 520 28.24 -12.97 -24.29
CA GLU A 520 27.75 -11.61 -24.59
C GLU A 520 26.53 -11.26 -23.72
N PRO A 521 25.29 -11.80 -23.92
CA PRO A 521 24.21 -11.46 -22.95
C PRO A 521 24.27 -12.42 -21.75
N ARG A 522 24.64 -11.91 -20.55
CA ARG A 522 24.76 -12.73 -19.33
C ARG A 522 23.43 -13.22 -18.82
N GLU A 523 23.38 -14.46 -18.34
CA GLU A 523 22.15 -15.08 -17.87
C GLU A 523 22.19 -15.65 -16.43
N PHE A 524 21.04 -16.19 -16.00
CA PHE A 524 20.78 -16.87 -14.75
C PHE A 524 19.73 -17.95 -15.05
N ALA A 525 19.67 -19.01 -14.22
CA ALA A 525 18.73 -20.11 -14.43
C ALA A 525 17.58 -20.18 -13.40
N HIS A 526 16.41 -20.69 -13.87
CA HIS A 526 15.20 -20.93 -13.07
C HIS A 526 14.39 -22.01 -13.78
N GLU A 527 14.32 -23.20 -13.14
CA GLU A 527 13.63 -24.41 -13.65
C GLU A 527 14.17 -24.81 -15.04
N ALA A 528 15.51 -24.85 -15.17
CA ALA A 528 16.28 -25.20 -16.38
C ALA A 528 15.95 -24.29 -17.58
N GLU A 529 15.64 -23.01 -17.31
CA GLU A 529 15.29 -22.03 -18.33
C GLU A 529 16.16 -20.80 -18.15
N CYS A 530 16.87 -20.41 -19.21
CA CYS A 530 17.78 -19.26 -19.23
C CYS A 530 17.05 -17.95 -19.45
N PHE A 531 17.28 -16.98 -18.56
CA PHE A 531 16.75 -15.62 -18.66
C PHE A 531 17.93 -14.68 -18.51
N SER A 532 17.97 -13.60 -19.31
CA SER A 532 19.08 -12.65 -19.29
C SER A 532 19.05 -11.71 -18.09
N CYS A 533 20.26 -11.41 -17.59
CA CYS A 533 20.52 -10.49 -16.48
C CYS A 533 20.17 -9.08 -16.93
N HIS A 534 19.57 -8.30 -16.01
CA HIS A 534 19.12 -6.93 -16.23
C HIS A 534 20.18 -6.06 -16.89
N PRO A 535 19.79 -5.26 -17.89
CA PRO A 535 20.77 -4.41 -18.61
C PRO A 535 21.77 -3.64 -17.76
N GLU A 536 21.38 -3.28 -16.53
CA GLU A 536 22.20 -2.48 -15.62
C GLU A 536 23.27 -3.25 -14.83
N CYS A 537 23.29 -4.61 -14.89
CA CYS A 537 24.35 -5.34 -14.17
C CYS A 537 25.66 -5.24 -14.96
N GLN A 538 26.80 -5.21 -14.24
CA GLN A 538 28.14 -5.18 -14.83
C GLN A 538 28.49 -6.62 -15.21
N PRO A 539 28.93 -6.90 -16.46
CA PRO A 539 29.23 -8.29 -16.84
C PRO A 539 30.39 -8.91 -16.03
N MET A 540 30.03 -9.76 -15.07
CA MET A 540 30.99 -10.40 -14.17
C MET A 540 31.67 -11.62 -14.80
N GLU A 541 33.00 -11.77 -14.54
CA GLU A 541 33.82 -12.89 -15.04
C GLU A 541 34.27 -13.78 -13.91
N GLY A 542 34.09 -15.10 -14.10
CA GLY A 542 34.43 -16.12 -13.11
C GLY A 542 33.42 -16.27 -11.98
N THR A 543 32.26 -15.61 -12.12
CA THR A 543 31.15 -15.59 -11.17
C THR A 543 29.86 -15.11 -11.88
N ALA A 544 28.68 -15.38 -11.27
CA ALA A 544 27.37 -14.96 -11.80
C ALA A 544 27.24 -13.44 -11.79
N THR A 545 26.60 -12.91 -12.83
CA THR A 545 26.37 -11.48 -13.06
C THR A 545 25.09 -11.05 -12.32
N CYS A 546 24.12 -11.98 -12.18
CA CYS A 546 22.84 -11.80 -11.49
C CYS A 546 22.28 -13.14 -11.00
N ASN A 547 21.32 -13.08 -10.07
CA ASN A 547 20.61 -14.23 -9.49
C ASN A 547 19.11 -13.97 -9.52
N GLY A 548 18.68 -13.29 -10.58
CA GLY A 548 17.30 -12.90 -10.82
C GLY A 548 17.15 -11.88 -11.95
N SER A 549 15.90 -11.71 -12.42
CA SER A 549 15.61 -10.77 -13.51
C SER A 549 15.67 -9.31 -13.09
N GLY A 550 15.55 -9.07 -11.77
CA GLY A 550 15.57 -7.75 -11.16
C GLY A 550 16.81 -6.92 -11.40
N SER A 551 16.65 -5.59 -11.30
CA SER A 551 17.71 -4.57 -11.43
C SER A 551 18.46 -4.48 -10.08
N ASP A 552 17.98 -5.26 -9.10
CA ASP A 552 18.46 -5.34 -7.73
C ASP A 552 19.17 -6.64 -7.46
N THR A 553 19.01 -7.64 -8.34
CA THR A 553 19.65 -8.95 -8.16
C THR A 553 21.06 -9.01 -8.78
N CYS A 554 21.59 -7.84 -9.19
CA CYS A 554 22.91 -7.74 -9.82
C CYS A 554 24.07 -8.03 -8.84
N ALA A 555 25.19 -8.52 -9.38
CA ALA A 555 26.38 -8.75 -8.61
C ALA A 555 27.11 -7.41 -8.47
N GLN A 556 27.05 -6.58 -9.52
CA GLN A 556 27.64 -5.23 -9.56
C GLN A 556 26.87 -4.35 -10.52
N CYS A 557 26.78 -3.04 -10.22
CA CYS A 557 26.08 -2.10 -11.09
C CYS A 557 27.01 -1.57 -12.15
N ALA A 558 26.57 -1.62 -13.42
CA ALA A 558 27.36 -1.15 -14.54
C ALA A 558 27.42 0.38 -14.58
N HIS A 559 26.46 1.07 -13.93
CA HIS A 559 26.43 2.51 -13.89
C HIS A 559 26.37 3.06 -12.48
N PHE A 560 25.15 3.26 -11.95
CA PHE A 560 24.92 3.78 -10.61
C PHE A 560 24.03 2.85 -9.86
N ARG A 561 24.07 2.95 -8.53
CA ARG A 561 23.27 2.13 -7.62
C ARG A 561 22.47 3.09 -6.76
N ASP A 562 21.14 3.12 -6.94
CA ASP A 562 20.25 3.90 -6.10
C ASP A 562 19.63 2.87 -5.12
N GLY A 563 20.23 2.79 -3.92
CA GLY A 563 19.86 1.83 -2.90
C GLY A 563 20.07 0.40 -3.39
N PRO A 564 19.02 -0.44 -3.38
CA PRO A 564 19.18 -1.83 -3.89
C PRO A 564 19.29 -1.93 -5.40
N HIS A 565 18.87 -0.91 -6.14
CA HIS A 565 18.79 -0.96 -7.61
C HIS A 565 19.96 -0.43 -8.36
N CYS A 566 20.29 -1.09 -9.48
CA CYS A 566 21.28 -0.61 -10.42
C CYS A 566 20.47 0.27 -11.39
N VAL A 567 20.83 1.55 -11.46
CA VAL A 567 20.09 2.54 -12.24
C VAL A 567 20.92 3.11 -13.35
N SER A 568 20.25 3.67 -14.39
CA SER A 568 20.90 4.30 -15.55
C SER A 568 21.48 5.65 -15.15
N SER A 569 20.76 6.35 -14.26
CA SER A 569 21.11 7.65 -13.73
C SER A 569 20.53 7.77 -12.32
N CYS A 570 21.06 8.69 -11.50
CA CYS A 570 20.55 8.94 -10.15
C CYS A 570 19.24 9.72 -10.15
N PRO A 571 18.33 9.45 -9.17
CA PRO A 571 17.09 10.24 -9.12
C PRO A 571 17.40 11.72 -9.06
N HIS A 572 16.78 12.51 -9.95
CA HIS A 572 17.05 13.93 -10.02
C HIS A 572 15.76 14.58 -10.49
N GLY A 573 14.97 15.08 -9.55
CA GLY A 573 13.69 15.72 -9.84
C GLY A 573 12.48 14.81 -9.69
N VAL A 574 12.70 13.51 -9.40
CA VAL A 574 11.63 12.52 -9.19
C VAL A 574 10.77 13.01 -8.02
N LEU A 575 9.46 13.16 -8.21
CA LEU A 575 8.63 13.65 -7.13
C LEU A 575 8.32 12.60 -6.07
N GLY A 576 8.57 12.99 -4.82
CA GLY A 576 8.29 12.23 -3.61
C GLY A 576 7.09 12.85 -2.91
N ALA A 577 6.63 12.22 -1.82
CA ALA A 577 5.46 12.72 -1.07
C ALA A 577 5.73 14.10 -0.47
N LYS A 578 6.98 14.35 -0.07
CA LYS A 578 7.41 15.58 0.55
C LYS A 578 8.15 16.53 -0.41
N GLY A 579 8.04 16.30 -1.72
CA GLY A 579 8.64 17.15 -2.75
C GLY A 579 9.59 16.46 -3.71
N PRO A 580 10.33 17.20 -4.55
CA PRO A 580 11.26 16.54 -5.49
C PRO A 580 12.49 15.94 -4.83
N ILE A 581 12.89 14.76 -5.29
CA ILE A 581 14.07 14.03 -4.80
C ILE A 581 15.23 14.22 -5.75
N TYR A 582 16.33 14.79 -5.24
CA TYR A 582 17.54 14.96 -6.04
C TYR A 582 18.70 14.22 -5.34
N LYS A 583 19.47 13.44 -6.11
CA LYS A 583 20.61 12.66 -5.62
C LYS A 583 21.77 12.79 -6.62
N TYR A 584 23.03 12.73 -6.15
CA TYR A 584 24.23 12.81 -6.99
C TYR A 584 25.02 11.49 -6.88
N PRO A 585 25.88 11.10 -7.86
CA PRO A 585 26.63 9.86 -7.69
C PRO A 585 27.91 10.07 -6.90
N ASP A 586 28.32 9.05 -6.13
CA ASP A 586 29.54 8.94 -5.32
C ASP A 586 30.74 8.74 -6.23
N VAL A 587 31.91 8.60 -5.61
CA VAL A 587 33.16 8.26 -6.30
C VAL A 587 32.97 6.81 -6.73
N GLN A 588 32.17 6.05 -5.92
CA GLN A 588 31.77 4.66 -6.11
C GLN A 588 30.40 4.62 -6.78
N ASN A 589 30.14 5.64 -7.62
CA ASN A 589 28.92 5.80 -8.40
C ASN A 589 27.58 5.59 -7.64
N GLU A 590 27.60 5.60 -6.29
CA GLU A 590 26.38 5.43 -5.52
C GLU A 590 25.56 6.73 -5.40
N CYS A 591 24.24 6.66 -5.63
CA CYS A 591 23.33 7.79 -5.55
C CYS A 591 23.17 8.33 -4.13
N ARG A 592 24.06 9.24 -3.69
CA ARG A 592 23.89 9.80 -2.35
C ARG A 592 22.94 11.05 -2.39
N PRO A 593 22.16 11.39 -1.34
CA PRO A 593 21.20 12.50 -1.49
C PRO A 593 21.78 13.90 -1.52
N CYS A 594 21.09 14.82 -2.18
CA CYS A 594 21.49 16.23 -2.20
C CYS A 594 21.12 16.90 -0.87
N HIS A 595 21.71 18.08 -0.59
CA HIS A 595 21.41 18.89 0.59
C HIS A 595 19.97 19.41 0.44
N GLU A 596 19.21 19.52 1.54
CA GLU A 596 17.80 19.98 1.57
C GLU A 596 17.52 21.28 0.81
N ASN A 597 18.49 22.21 0.86
CA ASN A 597 18.37 23.52 0.25
C ASN A 597 18.64 23.52 -1.26
N CYS A 598 19.21 22.43 -1.82
CA CYS A 598 19.39 22.29 -3.26
C CYS A 598 17.99 22.01 -3.87
N THR A 599 17.37 23.06 -4.42
CA THR A 599 16.02 23.03 -5.00
C THR A 599 16.03 22.61 -6.49
N GLN A 600 17.24 22.62 -7.09
CA GLN A 600 17.47 22.31 -8.49
C GLN A 600 18.30 21.07 -8.74
N GLY A 601 18.92 20.55 -7.68
CA GLY A 601 19.80 19.39 -7.73
C GLY A 601 21.19 19.75 -7.26
N CYS A 602 22.17 18.83 -7.37
CA CYS A 602 23.52 19.10 -6.89
C CYS A 602 24.62 18.30 -7.57
N LYS A 603 25.86 18.79 -7.39
CA LYS A 603 27.11 18.22 -7.87
C LYS A 603 27.58 17.23 -6.79
N GLY A 604 27.65 17.71 -5.55
CA GLY A 604 28.07 16.93 -4.41
C GLY A 604 27.21 17.10 -3.18
N PRO A 605 27.70 16.60 -2.02
CA PRO A 605 26.91 16.65 -0.79
C PRO A 605 26.77 17.99 -0.10
N GLU A 606 27.71 18.91 -0.30
CA GLU A 606 27.64 20.22 0.36
C GLU A 606 26.53 21.14 -0.22
N LEU A 607 26.41 22.32 0.37
CA LEU A 607 25.45 23.36 -0.02
C LEU A 607 26.07 24.21 -1.14
N GLN A 608 27.42 24.23 -1.19
CA GLN A 608 28.27 24.92 -2.17
C GLN A 608 28.13 24.19 -3.52
N ASP A 609 27.72 22.91 -3.46
CA ASP A 609 27.53 21.98 -4.56
C ASP A 609 26.12 22.03 -5.18
N CYS A 610 25.24 22.93 -4.67
CA CYS A 610 23.88 23.14 -5.18
C CYS A 610 23.94 23.59 -6.63
N LEU A 611 23.01 23.11 -7.48
CA LEU A 611 22.94 23.45 -8.90
C LEU A 611 22.06 24.68 -9.15
N GLY A 612 22.42 25.54 -10.12
CA GLY A 612 21.70 26.75 -10.47
C GLY A 612 22.55 27.86 -11.05
N VAL B 2 -6.08 4.10 13.21
CA VAL B 2 -4.92 3.51 12.50
C VAL B 2 -4.09 2.63 13.39
N GLN B 3 -4.20 1.32 13.21
CA GLN B 3 -3.42 0.40 14.03
C GLN B 3 -3.03 -0.90 13.30
N LEU B 4 -1.96 -1.53 13.82
CA LEU B 4 -1.35 -2.78 13.36
C LEU B 4 -1.33 -3.77 14.52
N VAL B 5 -1.65 -5.06 14.24
CA VAL B 5 -1.64 -6.09 15.29
C VAL B 5 -0.85 -7.36 14.89
N GLU B 6 0.29 -7.60 15.56
CA GLU B 6 1.12 -8.78 15.30
C GLU B 6 0.50 -10.01 15.96
N SER B 7 0.80 -11.20 15.40
CA SER B 7 0.30 -12.49 15.86
C SER B 7 1.22 -13.64 15.43
N GLY B 8 1.29 -14.68 16.27
CA GLY B 8 2.03 -15.89 15.98
C GLY B 8 3.37 -16.09 16.64
N GLY B 9 3.89 -15.01 17.22
CA GLY B 9 5.19 -15.01 17.89
C GLY B 9 5.17 -15.68 19.25
N GLY B 10 5.56 -16.94 19.25
CA GLY B 10 5.61 -17.70 20.48
C GLY B 10 6.97 -18.28 20.81
N LEU B 11 7.05 -19.61 20.73
CA LEU B 11 8.22 -20.36 21.05
C LEU B 11 8.44 -21.42 19.98
N VAL B 12 9.64 -21.43 19.40
CA VAL B 12 10.02 -22.43 18.42
C VAL B 12 11.25 -23.05 18.87
N GLN B 13 11.40 -24.32 18.52
CA GLN B 13 12.61 -25.06 18.80
C GLN B 13 13.67 -24.57 17.76
N PRO B 14 14.99 -24.57 18.07
CA PRO B 14 15.97 -24.15 17.06
C PRO B 14 15.85 -25.01 15.81
N GLY B 15 15.94 -24.35 14.65
CA GLY B 15 15.80 -24.96 13.35
C GLY B 15 14.37 -24.91 12.88
N GLY B 16 13.47 -24.51 13.78
CA GLY B 16 12.03 -24.38 13.58
C GLY B 16 11.55 -23.39 12.52
N SER B 17 10.21 -23.21 12.49
CA SER B 17 9.51 -22.36 11.55
C SER B 17 8.43 -21.59 12.22
N LEU B 18 8.15 -20.37 11.72
CA LEU B 18 7.13 -19.51 12.28
C LEU B 18 6.58 -18.50 11.24
N ARG B 19 5.24 -18.40 11.11
CA ARG B 19 4.62 -17.42 10.21
C ARG B 19 3.99 -16.35 11.07
N LEU B 20 4.60 -15.19 11.10
CA LEU B 20 4.10 -14.06 11.86
C LEU B 20 3.06 -13.38 11.01
N SER B 21 2.10 -12.71 11.66
CA SER B 21 1.00 -12.09 10.97
C SER B 21 0.69 -10.70 11.54
N CYS B 22 0.57 -9.71 10.65
CA CYS B 22 0.27 -8.35 11.08
C CYS B 22 -0.99 -7.83 10.45
N ALA B 23 -2.03 -7.67 11.28
CA ALA B 23 -3.37 -7.22 10.92
C ALA B 23 -3.46 -5.71 10.89
N ALA B 24 -3.63 -5.15 9.69
CA ALA B 24 -3.70 -3.72 9.49
C ALA B 24 -5.11 -3.22 9.51
N SER B 25 -5.39 -2.13 10.24
CA SER B 25 -6.72 -1.53 10.29
C SER B 25 -6.68 -0.02 10.44
N GLY B 26 -7.73 0.63 9.99
CA GLY B 26 -7.88 2.07 10.08
C GLY B 26 -7.22 2.87 8.97
N PHE B 27 -6.61 2.20 7.99
CA PHE B 27 -5.95 2.83 6.85
C PHE B 27 -5.95 1.91 5.61
N THR B 28 -5.58 2.48 4.46
CA THR B 28 -5.51 1.77 3.20
C THR B 28 -4.17 1.02 3.14
N PHE B 29 -4.15 -0.16 3.80
CA PHE B 29 -2.97 -1.04 3.90
C PHE B 29 -2.35 -1.29 2.53
N SER B 30 -3.24 -1.46 1.53
CA SER B 30 -2.96 -1.70 0.13
C SER B 30 -2.05 -0.65 -0.49
N SER B 31 -2.08 0.58 0.03
CA SER B 31 -1.32 1.71 -0.51
C SER B 31 0.07 2.01 0.12
N TYR B 32 0.46 1.33 1.21
CA TYR B 32 1.72 1.61 1.93
C TYR B 32 2.72 0.47 1.90
N ALA B 33 4.01 0.81 1.74
CA ALA B 33 5.09 -0.17 1.78
C ALA B 33 5.28 -0.53 3.25
N MET B 34 5.34 -1.82 3.57
CA MET B 34 5.44 -2.24 4.98
C MET B 34 6.76 -2.87 5.34
N SER B 35 7.08 -2.94 6.66
CA SER B 35 8.34 -3.53 7.13
C SER B 35 8.22 -4.28 8.47
N TRP B 36 9.17 -5.17 8.72
CA TRP B 36 9.25 -5.85 9.99
C TRP B 36 10.52 -5.33 10.64
N VAL B 37 10.48 -5.02 11.92
CA VAL B 37 11.63 -4.55 12.66
C VAL B 37 11.68 -5.40 13.93
N ARG B 38 12.84 -6.03 14.23
CA ARG B 38 12.98 -6.89 15.42
C ARG B 38 13.87 -6.29 16.57
N GLN B 39 13.57 -6.67 17.83
CA GLN B 39 14.28 -6.17 18.98
C GLN B 39 14.54 -7.25 20.03
N ALA B 40 15.75 -7.81 19.97
CA ALA B 40 16.27 -8.83 20.85
C ALA B 40 16.37 -8.23 22.21
N PRO B 41 15.95 -8.95 23.25
CA PRO B 41 16.03 -8.37 24.59
C PRO B 41 17.49 -8.20 25.00
N GLY B 42 17.86 -7.07 25.57
CA GLY B 42 17.08 -5.87 25.75
C GLY B 42 17.96 -4.88 25.06
N LYS B 43 18.05 -5.07 23.77
CA LYS B 43 18.94 -4.34 22.90
C LYS B 43 18.18 -3.41 21.94
N GLY B 44 18.92 -2.85 20.98
CA GLY B 44 18.44 -1.89 20.00
C GLY B 44 17.52 -2.46 18.94
N LEU B 45 17.12 -1.55 18.02
CA LEU B 45 16.23 -1.79 16.88
C LEU B 45 16.99 -2.27 15.65
N GLU B 46 16.40 -3.25 14.92
CA GLU B 46 17.05 -3.84 13.77
C GLU B 46 16.04 -4.09 12.69
N TRP B 47 16.15 -3.36 11.54
CA TRP B 47 15.22 -3.55 10.42
C TRP B 47 15.40 -4.97 9.95
N VAL B 48 14.30 -5.73 9.83
CA VAL B 48 14.46 -7.14 9.48
C VAL B 48 14.03 -7.46 7.99
N SER B 49 13.00 -6.76 7.45
CA SER B 49 12.54 -6.97 6.08
C SER B 49 11.54 -5.89 5.70
N ALA B 50 11.38 -5.64 4.39
CA ALA B 50 10.43 -4.66 3.84
C ALA B 50 9.70 -5.27 2.65
N ILE B 51 8.55 -4.70 2.30
CA ILE B 51 7.69 -5.17 1.21
C ILE B 51 7.12 -3.99 0.49
N ASN B 52 6.98 -4.17 -0.82
CA ASN B 52 6.43 -3.23 -1.76
C ASN B 52 4.95 -3.18 -1.48
N SER B 53 4.32 -2.03 -1.78
CA SER B 53 2.86 -1.81 -1.65
C SER B 53 2.08 -2.93 -2.38
N GLN B 54 2.42 -3.14 -3.66
CA GLN B 54 1.86 -4.20 -4.48
C GLN B 54 2.42 -5.52 -3.98
N GLY B 55 3.69 -5.54 -3.63
CA GLY B 55 4.40 -6.72 -3.14
C GLY B 55 5.34 -7.31 -4.15
N LYS B 56 5.44 -6.69 -5.33
CA LYS B 56 6.32 -7.08 -6.42
C LYS B 56 7.77 -7.15 -5.93
N SER B 57 8.22 -6.17 -5.10
CA SER B 57 9.60 -6.07 -4.59
C SER B 57 9.65 -6.28 -3.11
N THR B 58 10.53 -7.20 -2.67
CA THR B 58 10.72 -7.55 -1.26
C THR B 58 12.19 -7.40 -0.93
N TYR B 59 12.51 -6.86 0.25
CA TYR B 59 13.91 -6.71 0.64
C TYR B 59 14.13 -7.25 1.99
N TYR B 60 15.23 -8.00 2.13
CA TYR B 60 15.62 -8.60 3.40
C TYR B 60 16.95 -8.07 3.85
N ALA B 61 17.06 -7.92 5.16
CA ALA B 61 18.30 -7.58 5.79
C ALA B 61 19.19 -8.84 5.63
N ASP B 62 20.52 -8.70 5.54
CA ASP B 62 21.47 -9.81 5.33
C ASP B 62 21.41 -10.97 6.30
N SER B 63 21.18 -10.67 7.58
CA SER B 63 21.09 -11.67 8.65
C SER B 63 19.93 -12.66 8.45
N VAL B 64 18.88 -12.18 7.82
CA VAL B 64 17.68 -12.95 7.67
C VAL B 64 17.52 -13.60 6.30
N LYS B 65 18.29 -13.16 5.30
CA LYS B 65 18.15 -13.67 3.94
C LYS B 65 18.31 -15.17 3.78
N GLY B 66 17.43 -15.72 2.95
CA GLY B 66 17.40 -17.15 2.66
C GLY B 66 16.62 -17.93 3.70
N ARG B 67 16.21 -17.26 4.76
CA ARG B 67 15.49 -17.89 5.84
C ARG B 67 14.10 -17.32 5.97
N PHE B 68 14.00 -15.99 6.11
CA PHE B 68 12.68 -15.40 6.26
C PHE B 68 12.10 -14.97 4.92
N THR B 69 10.77 -14.97 4.80
CA THR B 69 10.11 -14.61 3.54
C THR B 69 8.99 -13.65 3.87
N ILE B 70 9.04 -12.44 3.28
CA ILE B 70 8.04 -11.40 3.53
C ILE B 70 6.92 -11.48 2.50
N SER B 71 5.68 -11.29 2.95
CA SER B 71 4.51 -11.36 2.07
C SER B 71 3.39 -10.52 2.62
N ARG B 72 2.32 -10.38 1.85
CA ARG B 72 1.14 -9.63 2.28
C ARG B 72 -0.07 -10.04 1.51
N ASP B 73 -1.22 -10.10 2.16
CA ASP B 73 -2.48 -10.33 1.50
C ASP B 73 -3.29 -9.04 1.68
N ASN B 74 -3.33 -8.22 0.62
CA ASN B 74 -4.00 -6.93 0.69
C ASN B 74 -5.52 -7.05 0.84
N SER B 75 -6.09 -8.23 0.52
CA SER B 75 -7.52 -8.48 0.66
C SER B 75 -7.82 -8.78 2.14
N LYS B 76 -7.07 -9.73 2.72
CA LYS B 76 -7.20 -10.09 4.13
C LYS B 76 -6.63 -8.97 5.03
N ASN B 77 -6.12 -7.87 4.42
CA ASN B 77 -5.51 -6.74 5.11
C ASN B 77 -4.48 -7.19 6.14
N THR B 78 -3.71 -8.22 5.78
CA THR B 78 -2.64 -8.79 6.60
C THR B 78 -1.31 -8.89 5.86
N LEU B 79 -0.24 -8.88 6.64
CA LEU B 79 1.15 -8.92 6.23
C LEU B 79 1.72 -10.16 6.93
N TYR B 80 2.75 -10.78 6.36
CA TYR B 80 3.34 -11.97 6.94
C TYR B 80 4.87 -12.00 6.89
N LEU B 81 5.46 -12.70 7.86
CA LEU B 81 6.89 -12.96 7.91
C LEU B 81 7.04 -14.45 8.16
N GLN B 82 7.44 -15.18 7.13
CA GLN B 82 7.59 -16.62 7.24
C GLN B 82 9.02 -16.93 7.56
N MET B 83 9.34 -17.00 8.86
CA MET B 83 10.70 -17.30 9.32
C MET B 83 10.98 -18.81 9.38
N ASN B 84 12.07 -19.22 8.71
CA ASN B 84 12.49 -20.61 8.62
C ASN B 84 13.91 -20.81 9.13
N SER B 85 14.28 -22.08 9.51
CA SER B 85 15.61 -22.45 10.03
C SER B 85 15.99 -21.44 11.11
N LEU B 86 15.15 -21.38 12.15
CA LEU B 86 15.28 -20.41 13.20
C LEU B 86 16.41 -20.65 14.14
N ARG B 87 17.26 -19.64 14.23
CA ARG B 87 18.46 -19.61 15.07
C ARG B 87 18.10 -18.93 16.39
N ALA B 88 18.78 -19.32 17.47
CA ALA B 88 18.60 -18.71 18.80
C ALA B 88 18.71 -17.21 18.72
N GLU B 89 19.62 -16.74 17.88
CA GLU B 89 19.88 -15.33 17.65
C GLU B 89 18.70 -14.60 17.04
N ASP B 90 17.58 -15.30 16.75
CA ASP B 90 16.36 -14.70 16.18
C ASP B 90 15.34 -14.34 17.24
N THR B 91 15.61 -14.71 18.52
CA THR B 91 14.69 -14.34 19.61
C THR B 91 14.74 -12.82 19.75
N ALA B 92 13.59 -12.23 19.49
CA ALA B 92 13.41 -10.80 19.49
C ALA B 92 11.92 -10.51 19.58
N VAL B 93 11.59 -9.25 19.72
CA VAL B 93 10.20 -8.84 19.68
C VAL B 93 10.10 -8.36 18.23
N TYR B 94 9.06 -8.81 17.53
CA TYR B 94 8.95 -8.47 16.14
C TYR B 94 7.84 -7.49 15.90
N TYR B 95 8.24 -6.24 15.62
CA TYR B 95 7.36 -5.12 15.31
C TYR B 95 7.14 -5.09 13.83
N CYS B 96 5.91 -4.83 13.45
CA CYS B 96 5.46 -4.68 12.09
C CYS B 96 5.16 -3.18 12.05
N ALA B 97 5.82 -2.46 11.13
CA ALA B 97 5.68 -1.02 11.03
C ALA B 97 5.38 -0.52 9.62
N ARG B 98 4.68 0.61 9.56
CA ARG B 98 4.27 1.22 8.30
C ARG B 98 5.21 2.33 7.87
N TRP B 99 5.68 2.26 6.63
CA TRP B 99 6.50 3.34 6.12
C TRP B 99 5.55 4.44 5.59
N GLY B 100 5.49 5.54 6.34
CA GLY B 100 4.65 6.69 6.00
C GLY B 100 5.18 7.44 4.81
N ASP B 101 4.92 8.75 4.76
CA ASP B 101 5.42 9.60 3.67
C ASP B 101 6.93 9.79 3.89
N GLU B 102 7.32 9.76 5.17
CA GLU B 102 8.68 9.81 5.66
C GLU B 102 8.63 9.19 7.07
N GLY B 103 9.46 8.17 7.28
CA GLY B 103 9.59 7.44 8.55
C GLY B 103 8.56 6.36 8.78
N PHE B 104 8.80 5.51 9.80
CA PHE B 104 7.84 4.49 10.20
C PHE B 104 6.83 5.16 11.13
N ASP B 105 5.73 5.69 10.56
CA ASP B 105 4.75 6.44 11.35
C ASP B 105 3.92 5.59 12.26
N ILE B 106 3.35 4.45 11.80
CA ILE B 106 2.54 3.63 12.70
C ILE B 106 3.17 2.24 12.87
N TRP B 107 3.25 1.74 14.13
CA TRP B 107 3.84 0.44 14.53
C TRP B 107 2.85 -0.41 15.35
N GLY B 108 2.90 -1.73 15.18
CA GLY B 108 2.11 -2.65 15.99
C GLY B 108 2.73 -2.82 17.39
N GLN B 109 2.12 -3.69 18.22
CA GLN B 109 2.55 -3.91 19.61
C GLN B 109 3.77 -4.83 19.76
N GLY B 110 4.10 -5.53 18.69
CA GLY B 110 5.19 -6.49 18.67
C GLY B 110 4.86 -7.83 19.32
N THR B 111 5.20 -8.93 18.62
CA THR B 111 5.01 -10.30 19.10
C THR B 111 6.39 -10.86 19.50
N LEU B 112 6.46 -11.65 20.60
CA LEU B 112 7.77 -12.15 21.06
C LEU B 112 8.09 -13.60 20.61
N VAL B 113 9.03 -13.75 19.63
CA VAL B 113 9.42 -15.12 19.27
C VAL B 113 10.58 -15.54 20.14
N THR B 114 10.54 -16.80 20.64
CA THR B 114 11.53 -17.39 21.54
C THR B 114 12.01 -18.72 20.99
N VAL B 115 13.20 -18.73 20.36
CA VAL B 115 13.86 -19.91 19.80
C VAL B 115 14.54 -20.57 20.98
N SER B 116 14.07 -21.79 21.33
CA SER B 116 14.54 -22.63 22.44
C SER B 116 14.08 -24.06 22.33
N SER B 117 14.96 -24.96 22.76
CA SER B 117 14.73 -26.40 22.80
C SER B 117 13.79 -26.81 23.96
N ALA B 118 13.65 -25.94 25.00
CA ALA B 118 12.80 -26.13 26.18
C ALA B 118 11.35 -26.13 25.86
N SER B 119 10.55 -26.83 26.68
CA SER B 119 9.11 -26.89 26.47
C SER B 119 8.37 -25.78 27.26
N THR B 120 7.07 -25.59 27.01
CA THR B 120 6.22 -24.56 27.64
C THR B 120 5.73 -24.95 29.03
N LYS B 121 5.87 -24.04 30.01
CA LYS B 121 5.35 -24.28 31.36
C LYS B 121 4.60 -23.08 31.84
N GLY B 122 3.35 -23.29 32.23
CA GLY B 122 2.47 -22.27 32.77
C GLY B 122 2.86 -21.80 34.17
N PRO B 123 2.64 -20.51 34.44
CA PRO B 123 2.98 -19.99 35.77
C PRO B 123 2.05 -20.44 36.87
N SER B 124 2.57 -20.39 38.11
CA SER B 124 1.82 -20.62 39.33
C SER B 124 1.64 -19.21 39.87
N VAL B 125 0.40 -18.84 40.28
CA VAL B 125 0.06 -17.50 40.82
C VAL B 125 -0.22 -17.56 42.31
N PHE B 126 0.58 -16.84 43.10
CA PHE B 126 0.46 -16.87 44.56
C PHE B 126 0.22 -15.51 45.13
N PRO B 127 -0.61 -15.43 46.16
CA PRO B 127 -0.91 -14.12 46.75
C PRO B 127 0.12 -13.58 47.72
N LEU B 128 0.56 -12.34 47.49
CA LEU B 128 1.45 -11.60 48.39
C LEU B 128 0.48 -10.70 49.18
N ALA B 129 0.19 -11.07 50.43
CA ALA B 129 -0.80 -10.38 51.24
C ALA B 129 -0.25 -9.33 52.24
N PRO B 130 -1.02 -8.23 52.49
CA PRO B 130 -0.59 -7.23 53.49
C PRO B 130 -0.95 -7.71 54.92
N SER B 131 -0.51 -7.06 56.02
CA SER B 131 0.32 -5.86 56.23
C SER B 131 1.16 -6.02 57.54
N SER B 132 2.47 -5.64 57.48
CA SER B 132 3.48 -5.70 58.56
C SER B 132 3.79 -7.12 59.07
N THR B 139 0.34 3.82 54.13
CA THR B 139 0.03 2.93 53.00
C THR B 139 0.48 1.46 53.20
N ALA B 140 -0.27 0.54 52.59
CA ALA B 140 -0.02 -0.90 52.61
C ALA B 140 0.28 -1.38 51.19
N ALA B 141 0.79 -2.59 51.06
CA ALA B 141 1.07 -3.13 49.73
C ALA B 141 0.74 -4.60 49.65
N LEU B 142 0.28 -5.01 48.48
CA LEU B 142 -0.07 -6.39 48.20
C LEU B 142 0.37 -6.74 46.79
N GLY B 143 0.58 -8.02 46.53
CA GLY B 143 0.98 -8.47 45.21
C GLY B 143 0.50 -9.83 44.76
N CYS B 144 1.13 -10.29 43.70
CA CYS B 144 0.91 -11.58 43.07
C CYS B 144 2.26 -12.13 42.64
N LEU B 145 2.63 -13.33 43.13
CA LEU B 145 3.86 -13.97 42.72
C LEU B 145 3.53 -14.86 41.56
N VAL B 146 4.05 -14.50 40.37
CA VAL B 146 3.82 -15.24 39.12
C VAL B 146 5.06 -16.15 38.93
N LYS B 147 5.12 -17.23 39.74
CA LYS B 147 6.25 -18.14 39.78
C LYS B 147 6.25 -19.22 38.68
N ASP B 148 7.50 -19.70 38.36
CA ASP B 148 7.94 -20.76 37.44
C ASP B 148 7.17 -20.86 36.14
N TYR B 149 7.66 -20.18 35.07
CA TYR B 149 7.02 -20.22 33.76
C TYR B 149 7.97 -20.08 32.59
N PHE B 150 7.55 -20.61 31.44
CA PHE B 150 8.33 -20.53 30.23
C PHE B 150 7.48 -20.69 28.96
N PRO B 151 7.74 -19.90 27.88
CA PRO B 151 8.71 -18.79 27.77
C PRO B 151 8.15 -17.49 28.34
N GLU B 152 8.74 -16.38 27.93
CA GLU B 152 8.22 -15.08 28.29
C GLU B 152 7.30 -14.70 27.09
N PRO B 153 6.27 -13.85 27.24
CA PRO B 153 5.94 -12.99 28.38
C PRO B 153 4.62 -13.29 29.08
N VAL B 154 4.47 -12.75 30.27
CA VAL B 154 3.19 -12.82 30.96
C VAL B 154 2.73 -11.41 31.14
N THR B 155 1.42 -11.22 31.20
CA THR B 155 0.80 -9.91 31.38
C THR B 155 -0.01 -9.96 32.64
N VAL B 156 0.29 -9.07 33.59
CA VAL B 156 -0.52 -9.11 34.79
C VAL B 156 -1.19 -7.75 35.00
N SER B 157 -2.52 -7.81 34.99
CA SER B 157 -3.45 -6.72 35.23
C SER B 157 -3.97 -6.83 36.67
N TRP B 158 -4.73 -5.81 37.12
CA TRP B 158 -5.27 -5.71 38.48
C TRP B 158 -6.71 -5.24 38.47
N ASN B 159 -7.61 -6.01 39.09
CA ASN B 159 -9.03 -5.69 39.15
C ASN B 159 -9.57 -5.52 37.71
N SER B 160 -9.20 -6.48 36.83
CA SER B 160 -9.50 -6.51 35.39
C SER B 160 -9.17 -5.19 34.65
N GLY B 161 -8.22 -4.44 35.20
CA GLY B 161 -7.78 -3.18 34.64
C GLY B 161 -8.25 -1.95 35.41
N ALA B 162 -9.26 -2.12 36.28
CA ALA B 162 -9.82 -1.01 37.04
C ALA B 162 -8.82 -0.34 37.95
N LEU B 163 -7.80 -1.09 38.38
CA LEU B 163 -6.72 -0.62 39.22
C LEU B 163 -5.48 -0.40 38.37
N THR B 164 -4.87 0.79 38.45
CA THR B 164 -3.61 1.03 37.74
C THR B 164 -2.63 1.82 38.60
N SER B 165 -3.12 2.81 39.36
CA SER B 165 -2.25 3.65 40.17
C SER B 165 -1.55 2.90 41.31
N GLY B 166 -0.24 3.07 41.36
CA GLY B 166 0.59 2.48 42.41
C GLY B 166 0.95 1.04 42.16
N VAL B 167 0.59 0.54 40.98
CA VAL B 167 0.91 -0.81 40.53
C VAL B 167 2.33 -0.81 39.96
N HIS B 168 3.07 -1.92 40.18
CA HIS B 168 4.42 -2.21 39.71
C HIS B 168 4.55 -3.70 39.36
N THR B 169 4.49 -4.02 38.05
CA THR B 169 4.67 -5.41 37.60
C THR B 169 6.16 -5.46 37.32
N PHE B 170 6.90 -6.24 38.09
CA PHE B 170 8.35 -6.26 37.95
C PHE B 170 8.91 -7.00 36.71
N PRO B 171 10.12 -6.61 36.19
CA PRO B 171 10.73 -7.40 35.11
C PRO B 171 11.06 -8.81 35.63
N ALA B 172 10.62 -9.85 34.89
CA ALA B 172 10.86 -11.23 35.37
C ALA B 172 12.35 -11.59 35.41
N VAL B 173 12.71 -12.61 36.20
CA VAL B 173 14.09 -13.11 36.33
C VAL B 173 14.17 -14.59 36.06
N LEU B 174 15.08 -14.98 35.15
CA LEU B 174 15.35 -16.38 34.88
C LEU B 174 15.97 -16.91 36.17
N GLN B 175 15.42 -18.01 36.67
CA GLN B 175 15.87 -18.63 37.88
C GLN B 175 17.00 -19.64 37.61
N SER B 176 17.41 -20.32 38.69
CA SER B 176 18.40 -21.38 38.75
C SER B 176 17.96 -22.46 37.78
N SER B 177 16.64 -22.79 37.80
CA SER B 177 15.95 -23.69 36.85
C SER B 177 15.81 -22.95 35.51
N GLY B 178 15.43 -23.64 34.45
CA GLY B 178 15.26 -22.96 33.17
C GLY B 178 14.05 -22.04 33.07
N LEU B 179 13.37 -21.77 34.23
CA LEU B 179 12.11 -21.03 34.35
C LEU B 179 12.17 -19.56 34.84
N TYR B 180 11.23 -18.75 34.32
CA TYR B 180 11.03 -17.34 34.67
C TYR B 180 10.08 -17.19 35.83
N SER B 181 10.16 -16.04 36.54
CA SER B 181 9.29 -15.65 37.65
C SER B 181 9.33 -14.17 37.88
N LEU B 182 8.15 -13.60 38.17
CA LEU B 182 7.97 -12.19 38.49
C LEU B 182 6.97 -11.99 39.63
N SER B 183 6.95 -10.78 40.17
CA SER B 183 6.02 -10.39 41.22
C SER B 183 5.40 -9.09 40.79
N SER B 184 4.06 -8.99 40.83
CA SER B 184 3.37 -7.75 40.47
C SER B 184 2.67 -7.26 41.70
N VAL B 185 3.23 -6.20 42.28
CA VAL B 185 2.81 -5.58 43.54
C VAL B 185 2.02 -4.26 43.28
N VAL B 186 1.16 -3.88 44.23
CA VAL B 186 0.32 -2.67 44.15
C VAL B 186 0.26 -2.00 45.54
N THR B 187 0.54 -0.70 45.57
CA THR B 187 0.53 0.07 46.80
C THR B 187 -0.79 0.87 46.87
N VAL B 188 -1.53 0.63 47.96
CA VAL B 188 -2.84 1.22 48.25
C VAL B 188 -2.84 1.98 49.58
N PRO B 189 -3.78 2.94 49.80
CA PRO B 189 -3.81 3.65 51.09
C PRO B 189 -4.24 2.71 52.21
N SER B 190 -3.41 2.63 53.26
CA SER B 190 -3.56 1.78 54.44
C SER B 190 -4.99 1.48 54.83
N SER B 191 -5.86 2.51 54.84
CA SER B 191 -7.27 2.43 55.22
C SER B 191 -8.07 1.43 54.40
N SER B 192 -7.93 1.51 53.07
CA SER B 192 -8.64 0.74 52.06
C SER B 192 -8.41 -0.78 52.11
N LEU B 193 -8.09 -1.33 53.28
CA LEU B 193 -7.85 -2.77 53.34
C LEU B 193 -9.13 -3.57 53.65
N GLY B 194 -9.93 -3.12 54.59
CA GLY B 194 -11.20 -3.80 54.81
C GLY B 194 -12.24 -3.06 54.01
N THR B 195 -11.91 -2.73 52.75
CA THR B 195 -12.75 -1.93 51.90
C THR B 195 -12.82 -2.49 50.49
N GLN B 196 -11.70 -2.45 49.78
CA GLN B 196 -11.58 -2.83 48.38
C GLN B 196 -11.14 -4.25 48.20
N THR B 197 -11.65 -4.88 47.14
CA THR B 197 -11.33 -6.24 46.69
C THR B 197 -10.20 -6.08 45.65
N TYR B 198 -9.13 -6.91 45.73
CA TYR B 198 -8.03 -6.81 44.77
C TYR B 198 -7.78 -8.14 44.09
N ILE B 199 -8.00 -8.20 42.80
CA ILE B 199 -7.81 -9.45 42.08
C ILE B 199 -6.76 -9.26 41.05
N CYS B 200 -5.73 -10.10 41.05
CA CYS B 200 -4.74 -9.97 39.99
C CYS B 200 -5.05 -11.00 38.89
N ASN B 201 -5.08 -10.53 37.63
CA ASN B 201 -5.37 -11.37 36.47
C ASN B 201 -4.10 -11.54 35.66
N VAL B 202 -3.59 -12.76 35.65
CA VAL B 202 -2.36 -13.18 35.00
C VAL B 202 -2.65 -13.97 33.70
N ASN B 203 -1.93 -13.66 32.61
CA ASN B 203 -2.09 -14.42 31.37
C ASN B 203 -0.77 -14.75 30.73
N HIS B 204 -0.51 -16.05 30.60
CA HIS B 204 0.65 -16.61 29.92
C HIS B 204 0.03 -17.20 28.68
N LYS B 205 0.14 -16.50 27.54
CA LYS B 205 -0.46 -16.98 26.29
C LYS B 205 0.17 -18.30 25.80
N PRO B 206 1.52 -18.49 25.79
CA PRO B 206 2.07 -19.77 25.30
C PRO B 206 1.52 -21.04 25.95
N SER B 207 1.09 -20.95 27.20
CA SER B 207 0.57 -22.11 27.92
C SER B 207 -0.91 -21.97 28.08
N ASN B 208 -1.48 -21.03 27.33
CA ASN B 208 -2.90 -20.71 27.41
C ASN B 208 -3.41 -20.68 28.86
N THR B 209 -2.59 -20.18 29.81
CA THR B 209 -2.89 -20.07 31.23
C THR B 209 -3.53 -18.71 31.52
N LYS B 210 -4.74 -18.73 32.08
CA LYS B 210 -5.50 -17.51 32.40
C LYS B 210 -5.97 -17.56 33.86
N VAL B 211 -5.12 -17.04 34.76
CA VAL B 211 -5.37 -17.10 36.20
C VAL B 211 -5.80 -15.76 36.81
N ASP B 212 -6.96 -15.76 37.49
CA ASP B 212 -7.48 -14.61 38.20
C ASP B 212 -7.37 -14.94 39.67
N LYS B 213 -6.38 -14.37 40.36
CA LYS B 213 -6.18 -14.66 41.77
C LYS B 213 -6.59 -13.54 42.70
N LYS B 214 -7.49 -13.84 43.65
CA LYS B 214 -7.95 -12.89 44.64
C LYS B 214 -6.95 -12.75 45.78
N VAL B 215 -6.63 -11.51 46.11
CA VAL B 215 -5.77 -11.12 47.22
C VAL B 215 -6.70 -10.27 48.16
N GLU B 216 -6.38 -10.19 49.46
CA GLU B 216 -7.15 -9.49 50.50
C GLU B 216 -8.46 -10.27 50.92
N PRO B 217 -9.70 -10.14 50.34
CA PRO B 217 -10.81 -10.96 50.90
C PRO B 217 -10.73 -12.45 50.51
N ASP C 1 27.36 -0.40 4.31
CA ASP C 1 26.24 0.07 5.13
C ASP C 1 26.64 1.32 5.92
N ILE C 2 25.65 2.03 6.52
CA ILE C 2 25.94 3.25 7.29
C ILE C 2 25.79 2.96 8.73
N GLN C 3 26.83 3.16 9.51
CA GLN C 3 26.74 2.94 10.95
C GLN C 3 26.21 4.20 11.61
N MET C 4 25.24 4.05 12.54
CA MET C 4 24.67 5.18 13.29
C MET C 4 25.19 5.12 14.72
N THR C 5 25.93 6.14 15.17
CA THR C 5 26.44 6.07 16.53
C THR C 5 25.95 7.27 17.31
N GLN C 6 25.05 6.97 18.29
CA GLN C 6 24.38 7.88 19.21
C GLN C 6 25.25 8.20 20.45
N SER C 7 25.16 9.43 20.96
CA SER C 7 25.94 9.84 22.12
C SER C 7 25.18 10.85 23.00
N PRO C 8 25.11 10.63 24.32
CA PRO C 8 25.67 9.48 25.07
C PRO C 8 24.77 8.25 25.00
N SER C 9 25.09 7.21 25.78
CA SER C 9 24.23 6.02 25.78
C SER C 9 23.20 6.20 26.87
N SER C 10 23.63 6.69 28.03
CA SER C 10 22.74 6.99 29.15
C SER C 10 22.85 8.49 29.44
N LEU C 11 21.75 9.09 29.83
CA LEU C 11 21.70 10.52 30.10
C LEU C 11 20.83 10.80 31.33
N SER C 12 21.34 11.59 32.26
CA SER C 12 20.54 11.93 33.42
C SER C 12 20.42 13.44 33.51
N ALA C 13 19.18 13.95 33.66
CA ALA C 13 18.88 15.38 33.75
C ALA C 13 17.59 15.64 34.49
N SER C 14 17.51 16.80 35.17
CA SER C 14 16.37 17.22 35.97
C SER C 14 15.22 17.69 35.09
N VAL C 15 13.99 17.73 35.65
CA VAL C 15 12.79 18.15 34.92
C VAL C 15 12.84 19.67 34.69
N GLY C 16 12.93 20.03 33.43
CA GLY C 16 13.02 21.41 32.98
C GLY C 16 14.28 21.66 32.19
N ASP C 17 15.35 20.86 32.45
CA ASP C 17 16.66 20.98 31.79
C ASP C 17 16.57 20.78 30.27
N ARG C 18 17.50 21.39 29.52
CA ARG C 18 17.54 21.27 28.06
C ARG C 18 18.38 20.06 27.75
N VAL C 19 17.71 18.96 27.37
CA VAL C 19 18.37 17.69 27.07
C VAL C 19 18.76 17.63 25.58
N THR C 20 20.01 17.25 25.28
CA THR C 20 20.50 17.12 23.91
C THR C 20 21.01 15.70 23.67
N ILE C 21 20.71 15.15 22.49
CA ILE C 21 21.15 13.82 22.09
C ILE C 21 21.87 13.98 20.77
N THR C 22 23.05 13.33 20.60
CA THR C 22 23.68 13.43 19.27
C THR C 22 23.56 12.12 18.51
N CYS C 23 23.86 12.21 17.21
CA CYS C 23 23.81 11.13 16.26
C CYS C 23 24.76 11.43 15.12
N ARG C 24 25.77 10.58 14.91
CA ARG C 24 26.68 10.74 13.78
C ARG C 24 26.53 9.52 12.90
N ALA C 25 26.50 9.73 11.59
CA ALA C 25 26.35 8.67 10.60
C ALA C 25 27.70 8.44 9.92
N SER C 26 28.09 7.16 9.74
CA SER C 26 29.38 6.75 9.16
C SER C 26 29.67 7.36 7.80
N GLN C 27 28.62 7.59 7.02
CA GLN C 27 28.73 8.21 5.71
C GLN C 27 27.69 9.37 5.60
N GLY C 28 27.70 10.07 4.46
CA GLY C 28 26.79 11.17 4.19
C GLY C 28 25.35 10.72 4.12
N ILE C 29 24.44 11.50 4.74
CA ILE C 29 23.04 11.11 4.79
C ILE C 29 22.05 12.27 4.60
N SER C 30 22.58 13.50 4.41
CA SER C 30 21.80 14.75 4.22
C SER C 30 20.91 15.00 5.44
N ASN C 31 19.64 15.22 5.21
CA ASN C 31 18.66 15.43 6.27
C ASN C 31 17.68 14.26 6.15
N TRP C 32 18.18 13.02 6.11
CA TRP C 32 17.26 11.90 5.93
C TRP C 32 17.21 11.09 7.17
N LEU C 33 17.09 11.77 8.32
CA LEU C 33 17.09 11.14 9.63
C LEU C 33 15.76 11.20 10.38
N ALA C 34 15.40 10.06 10.97
CA ALA C 34 14.23 9.95 11.81
C ALA C 34 14.67 9.67 13.25
N TRP C 35 13.92 10.25 14.20
CA TRP C 35 14.08 10.13 15.65
C TRP C 35 12.88 9.40 16.33
N TYR C 36 13.17 8.34 17.07
CA TYR C 36 12.11 7.57 17.74
C TYR C 36 12.19 7.62 19.29
N GLN C 37 11.06 7.40 19.96
CA GLN C 37 10.99 7.38 21.41
C GLN C 37 10.47 6.02 21.86
N GLN C 38 11.18 5.35 22.76
CA GLN C 38 10.70 4.04 23.14
C GLN C 38 10.61 3.83 24.64
N LYS C 39 9.39 4.11 25.16
CA LYS C 39 9.07 3.94 26.56
C LYS C 39 8.96 2.44 26.85
N PRO C 40 9.49 2.00 28.01
CA PRO C 40 9.46 0.56 28.35
C PRO C 40 8.23 -0.23 27.91
N GLY C 41 8.52 -1.37 27.31
CA GLY C 41 7.52 -2.34 26.85
C GLY C 41 6.55 -1.83 25.81
N LYS C 42 6.95 -0.82 25.05
CA LYS C 42 6.09 -0.27 24.01
C LYS C 42 6.83 -0.23 22.71
N ALA C 43 6.10 -0.02 21.59
CA ALA C 43 6.68 0.11 20.25
C ALA C 43 7.29 1.52 20.13
N PRO C 44 8.34 1.73 19.30
CA PRO C 44 8.87 3.09 19.15
C PRO C 44 7.83 4.06 18.56
N LYS C 45 7.94 5.34 18.95
CA LYS C 45 7.07 6.41 18.49
C LYS C 45 7.92 7.39 17.72
N LEU C 46 7.56 7.61 16.45
CA LEU C 46 8.20 8.55 15.52
C LEU C 46 7.98 9.99 15.98
N LEU C 47 9.09 10.67 16.30
CA LEU C 47 9.06 12.05 16.79
C LEU C 47 9.46 12.96 15.68
N ILE C 48 10.64 12.69 15.09
CA ILE C 48 11.15 13.55 14.04
C ILE C 48 11.50 12.74 12.79
N TYR C 49 11.10 13.27 11.61
CA TYR C 49 11.44 12.76 10.29
C TYR C 49 12.21 13.92 9.66
N GLY C 50 12.53 13.87 8.37
CA GLY C 50 13.35 14.94 7.79
C GLY C 50 14.64 14.83 8.56
N ALA C 51 14.89 15.77 9.47
CA ALA C 51 15.99 15.69 10.45
C ALA C 51 15.64 16.68 11.55
N SER C 52 14.75 17.62 11.19
CA SER C 52 14.25 18.72 11.99
C SER C 52 12.75 18.78 11.92
N SER C 53 12.18 18.08 10.92
CA SER C 53 10.73 17.99 10.65
C SER C 53 10.00 17.25 11.76
N LEU C 54 8.97 17.87 12.32
CA LEU C 54 8.23 17.29 13.45
C LEU C 54 6.98 16.52 13.04
N GLN C 55 6.79 15.36 13.65
CA GLN C 55 5.65 14.50 13.40
C GLN C 55 4.44 15.15 14.02
N SER C 56 3.25 14.89 13.45
CA SER C 56 1.97 15.44 13.91
C SER C 56 1.72 15.11 15.36
N GLY C 57 1.28 16.11 16.11
CA GLY C 57 0.91 15.97 17.52
C GLY C 57 1.98 15.43 18.44
N VAL C 58 3.23 15.77 18.16
CA VAL C 58 4.39 15.43 19.00
C VAL C 58 4.67 16.78 19.74
N PRO C 59 4.79 16.76 21.08
CA PRO C 59 5.01 18.01 21.82
C PRO C 59 6.13 18.89 21.27
N SER C 60 5.84 20.20 21.17
CA SER C 60 6.71 21.27 20.68
C SER C 60 8.12 21.32 21.31
N ARG C 61 8.29 20.75 22.54
CA ARG C 61 9.59 20.73 23.23
C ARG C 61 10.62 19.91 22.45
N PHE C 62 10.14 18.91 21.69
CA PHE C 62 10.98 18.06 20.86
C PHE C 62 11.34 18.80 19.60
N SER C 63 12.66 18.87 19.30
CA SER C 63 13.22 19.53 18.13
C SER C 63 14.42 18.73 17.56
N GLY C 64 14.62 18.82 16.26
CA GLY C 64 15.71 18.14 15.59
C GLY C 64 16.56 19.10 14.81
N SER C 65 17.79 18.72 14.44
CA SER C 65 18.70 19.59 13.70
C SER C 65 19.80 18.80 13.05
N GLY C 66 20.35 19.36 11.97
CA GLY C 66 21.51 18.77 11.29
C GLY C 66 21.35 18.33 9.86
N SER C 67 22.51 18.08 9.23
CA SER C 67 22.64 17.61 7.87
C SER C 67 23.97 16.91 7.63
N GLY C 68 23.89 15.79 6.90
CA GLY C 68 25.02 15.00 6.44
C GLY C 68 25.58 13.91 7.33
N THR C 69 26.08 14.29 8.53
CA THR C 69 26.72 13.32 9.42
C THR C 69 26.31 13.56 10.87
N ASP C 70 26.60 14.74 11.44
CA ASP C 70 26.29 15.05 12.83
C ASP C 70 24.85 15.61 12.95
N PHE C 71 24.08 15.07 13.93
CA PHE C 71 22.67 15.43 14.18
C PHE C 71 22.38 15.65 15.64
N THR C 72 21.26 16.32 15.92
CA THR C 72 20.90 16.62 17.28
C THR C 72 19.40 16.47 17.52
N LEU C 73 19.05 15.92 18.68
CA LEU C 73 17.68 15.84 19.14
C LEU C 73 17.66 16.64 20.44
N THR C 74 16.74 17.61 20.55
CA THR C 74 16.67 18.46 21.71
C THR C 74 15.29 18.52 22.33
N ILE C 75 15.27 18.40 23.68
CA ILE C 75 14.08 18.50 24.52
C ILE C 75 14.21 19.82 25.33
N SER C 76 13.49 20.86 24.87
CA SER C 76 13.46 22.24 25.37
C SER C 76 13.37 22.30 26.89
N SER C 77 12.42 21.55 27.46
CA SER C 77 12.18 21.45 28.89
C SER C 77 11.84 20.01 29.17
N LEU C 78 12.82 19.27 29.75
CA LEU C 78 12.68 17.87 30.08
C LEU C 78 11.48 17.62 30.98
N GLN C 79 10.66 16.64 30.62
CA GLN C 79 9.45 16.32 31.37
C GLN C 79 9.50 14.92 31.96
N PRO C 80 8.76 14.64 33.05
CA PRO C 80 8.81 13.29 33.62
C PRO C 80 8.46 12.22 32.59
N GLU C 81 7.42 12.49 31.77
CA GLU C 81 6.87 11.66 30.69
C GLU C 81 7.94 11.29 29.67
N ASP C 82 8.86 12.22 29.39
CA ASP C 82 9.94 12.13 28.41
C ASP C 82 10.94 10.95 28.66
N PHE C 83 10.86 10.29 29.85
CA PHE C 83 11.71 9.12 30.13
C PHE C 83 11.48 8.06 29.08
N ALA C 84 12.56 7.65 28.36
CA ALA C 84 12.56 6.61 27.32
C ALA C 84 13.94 6.45 26.66
N VAL C 85 14.03 5.51 25.73
CA VAL C 85 15.24 5.31 24.95
C VAL C 85 14.96 5.89 23.54
N TYR C 86 15.88 6.72 23.04
CA TYR C 86 15.70 7.43 21.79
C TYR C 86 16.53 6.86 20.69
N TYR C 87 15.94 6.68 19.50
CA TYR C 87 16.66 6.08 18.39
C TYR C 87 16.84 6.99 17.17
N CYS C 88 17.86 6.69 16.37
CA CYS C 88 18.21 7.32 15.11
C CYS C 88 17.74 6.46 13.97
N GLN C 89 17.57 7.04 12.77
CA GLN C 89 17.26 6.24 11.60
C GLN C 89 17.68 6.91 10.36
N GLN C 90 18.59 6.30 9.61
CA GLN C 90 19.00 6.83 8.31
C GLN C 90 18.11 6.13 7.29
N TYR C 91 17.57 6.87 6.35
CA TYR C 91 16.77 6.19 5.36
C TYR C 91 17.30 6.46 3.97
N SER C 92 18.46 7.17 3.88
CA SER C 92 19.16 7.47 2.63
C SER C 92 19.89 6.27 2.06
N SER C 93 20.22 5.27 2.90
CA SER C 93 20.95 4.07 2.49
C SER C 93 20.25 2.73 2.80
N PHE C 94 20.60 1.68 2.00
CA PHE C 94 20.09 0.32 2.09
C PHE C 94 21.14 -0.62 2.70
N PRO C 95 20.84 -1.33 3.80
CA PRO C 95 19.59 -1.32 4.58
C PRO C 95 19.40 -0.02 5.36
N THR C 96 18.15 0.25 5.80
CA THR C 96 17.92 1.39 6.67
C THR C 96 18.55 1.04 8.03
N THR C 97 19.26 1.98 8.64
CA THR C 97 19.89 1.61 9.90
C THR C 97 19.50 2.57 11.02
N PHE C 98 19.47 2.01 12.25
CA PHE C 98 19.16 2.69 13.49
C PHE C 98 20.40 2.85 14.33
N GLY C 99 20.29 3.73 15.31
CA GLY C 99 21.30 3.97 16.33
C GLY C 99 21.12 2.98 17.47
N GLN C 100 22.04 3.03 18.45
CA GLN C 100 21.97 2.10 19.56
C GLN C 100 20.99 2.53 20.62
N GLY C 101 20.58 3.81 20.55
CA GLY C 101 19.66 4.44 21.48
C GLY C 101 20.31 5.26 22.59
N THR C 102 19.60 6.30 23.08
CA THR C 102 20.09 7.13 24.19
C THR C 102 19.03 7.07 25.26
N LYS C 103 19.32 6.36 26.36
CA LYS C 103 18.42 6.19 27.52
C LYS C 103 18.45 7.48 28.36
N VAL C 104 17.37 8.27 28.25
CA VAL C 104 17.20 9.53 28.95
C VAL C 104 16.36 9.29 30.17
N GLU C 105 16.91 9.56 31.36
CA GLU C 105 16.16 9.43 32.61
C GLU C 105 16.33 10.68 33.49
N ILE C 106 15.35 10.87 34.35
CA ILE C 106 15.19 12.01 35.23
C ILE C 106 16.05 11.95 36.48
N LYS C 107 16.76 13.07 36.70
CA LYS C 107 17.55 13.30 37.89
C LYS C 107 16.56 14.04 38.75
N ARG C 108 16.16 13.44 39.89
CA ARG C 108 15.19 14.05 40.80
C ARG C 108 15.72 14.19 42.24
N THR C 109 14.83 14.49 43.21
CA THR C 109 15.17 14.63 44.63
C THR C 109 15.39 13.24 45.23
N VAL C 110 16.07 13.17 46.38
CA VAL C 110 16.27 11.88 47.04
C VAL C 110 14.93 11.44 47.61
N ALA C 111 14.54 10.18 47.35
CA ALA C 111 13.31 9.58 47.86
C ALA C 111 13.62 8.25 48.53
N ALA C 112 13.33 8.13 49.83
CA ALA C 112 13.61 6.90 50.58
C ALA C 112 12.59 5.80 50.21
N PRO C 113 12.97 4.50 50.23
CA PRO C 113 11.98 3.47 49.85
C PRO C 113 10.96 3.13 50.92
N SER C 114 9.84 2.49 50.51
CA SER C 114 8.81 1.98 51.41
C SER C 114 9.10 0.48 51.45
N VAL C 115 9.69 -0.01 52.55
CA VAL C 115 10.07 -1.42 52.65
C VAL C 115 8.87 -2.24 53.06
N PHE C 116 8.70 -3.42 52.43
CA PHE C 116 7.61 -4.36 52.68
C PHE C 116 8.12 -5.81 52.65
N ILE C 117 7.75 -6.63 53.62
CA ILE C 117 8.15 -8.05 53.61
C ILE C 117 6.92 -8.92 53.36
N PHE C 118 7.04 -10.02 52.62
CA PHE C 118 5.91 -10.89 52.34
C PHE C 118 6.25 -12.33 52.61
N PRO C 119 5.68 -12.89 53.69
CA PRO C 119 5.94 -14.30 54.03
C PRO C 119 5.26 -15.25 53.05
N PRO C 120 5.84 -16.45 52.81
CA PRO C 120 5.28 -17.38 51.81
C PRO C 120 3.81 -17.71 51.90
N SER C 121 3.20 -17.82 50.70
CA SER C 121 1.79 -18.16 50.47
C SER C 121 1.57 -19.56 50.99
N ASP C 122 0.44 -19.84 51.64
CA ASP C 122 0.16 -21.19 52.12
C ASP C 122 0.04 -22.21 50.98
N GLU C 123 -0.40 -21.74 49.78
CA GLU C 123 -0.54 -22.51 48.53
C GLU C 123 0.82 -22.89 47.97
N GLN C 124 1.83 -22.01 48.17
CA GLN C 124 3.21 -22.19 47.73
C GLN C 124 3.83 -23.29 48.56
N LEU C 125 3.59 -23.23 49.88
CA LEU C 125 4.08 -24.17 50.88
C LEU C 125 3.39 -25.48 50.68
N LYS C 126 2.17 -25.43 50.09
CA LYS C 126 1.42 -26.64 49.76
C LYS C 126 2.15 -27.36 48.63
N SER C 127 2.72 -26.58 47.68
CA SER C 127 3.51 -27.07 46.54
C SER C 127 4.95 -27.45 46.94
N GLY C 128 5.30 -27.23 48.22
CA GLY C 128 6.62 -27.56 48.78
C GLY C 128 7.74 -26.62 48.38
N THR C 129 7.46 -25.30 48.40
CA THR C 129 8.39 -24.22 48.07
C THR C 129 8.00 -22.96 48.86
N ALA C 130 8.99 -22.18 49.30
CA ALA C 130 8.78 -20.96 50.06
C ALA C 130 9.54 -19.81 49.45
N SER C 131 8.84 -18.72 49.12
CA SER C 131 9.46 -17.53 48.55
C SER C 131 9.08 -16.34 49.39
N VAL C 132 10.09 -15.63 49.89
CA VAL C 132 9.84 -14.46 50.71
C VAL C 132 10.17 -13.24 49.86
N VAL C 133 9.17 -12.36 49.62
CA VAL C 133 9.40 -11.18 48.78
C VAL C 133 9.63 -9.92 49.61
N CYS C 134 10.61 -9.13 49.19
CA CYS C 134 10.93 -7.85 49.77
C CYS C 134 10.61 -6.78 48.76
N LEU C 135 9.76 -5.82 49.13
CA LEU C 135 9.35 -4.76 48.24
C LEU C 135 9.89 -3.42 48.71
N LEU C 136 10.47 -2.63 47.76
CA LEU C 136 10.99 -1.29 48.01
C LEU C 136 10.26 -0.33 47.09
N ASN C 137 9.02 0.07 47.46
CA ASN C 137 8.23 0.98 46.64
C ASN C 137 8.77 2.43 46.60
N ASN C 138 8.74 3.02 45.38
CA ASN C 138 9.05 4.39 44.96
C ASN C 138 10.28 5.04 45.67
N PHE C 139 11.48 4.90 45.07
CA PHE C 139 12.73 5.46 45.61
C PHE C 139 13.65 6.05 44.54
N TYR C 140 14.57 6.92 44.96
CA TYR C 140 15.55 7.58 44.10
C TYR C 140 16.82 7.95 44.90
N PRO C 141 18.06 7.68 44.41
CA PRO C 141 18.46 7.03 43.14
C PRO C 141 18.16 5.53 43.11
N ARG C 142 18.34 4.88 41.95
CA ARG C 142 18.04 3.45 41.83
C ARG C 142 18.98 2.54 42.63
N GLU C 143 20.04 3.11 43.23
CA GLU C 143 21.05 2.34 43.98
C GLU C 143 20.61 2.10 45.42
N ALA C 144 20.34 0.81 45.74
CA ALA C 144 19.91 0.31 47.05
C ALA C 144 20.47 -1.10 47.32
N LYS C 145 20.95 -1.34 48.56
CA LYS C 145 21.46 -2.65 48.97
C LYS C 145 20.41 -3.35 49.81
N VAL C 146 20.17 -4.64 49.56
CA VAL C 146 19.21 -5.45 50.34
C VAL C 146 19.88 -6.74 50.86
N GLN C 147 20.02 -6.86 52.19
CA GLN C 147 20.58 -8.04 52.85
C GLN C 147 19.44 -8.92 53.38
N TRP C 148 19.62 -10.24 53.32
CA TRP C 148 18.62 -11.18 53.82
C TRP C 148 19.16 -11.90 55.04
N LYS C 149 18.43 -11.81 56.17
CA LYS C 149 18.84 -12.49 57.41
C LYS C 149 17.77 -13.50 57.79
N VAL C 150 18.15 -14.77 57.93
CA VAL C 150 17.22 -15.82 58.32
C VAL C 150 17.80 -16.45 59.59
N ASP C 151 17.17 -16.13 60.73
CA ASP C 151 17.58 -16.50 62.08
C ASP C 151 18.95 -15.87 62.33
N ASN C 152 19.03 -14.57 61.99
CA ASN C 152 20.16 -13.64 62.04
C ASN C 152 21.32 -14.02 61.09
N ALA C 153 21.29 -15.24 60.50
CA ALA C 153 22.30 -15.75 59.57
C ALA C 153 22.20 -15.07 58.21
N LEU C 154 23.33 -14.56 57.68
CA LEU C 154 23.31 -13.88 56.38
C LEU C 154 23.14 -14.88 55.23
N GLN C 155 21.97 -14.79 54.56
CA GLN C 155 21.60 -15.69 53.47
C GLN C 155 22.02 -15.14 52.10
N SER C 156 23.26 -15.47 51.69
CA SER C 156 23.82 -15.05 50.40
C SER C 156 23.99 -16.24 49.46
N GLY C 157 23.31 -16.16 48.31
CA GLY C 157 23.34 -17.19 47.27
C GLY C 157 22.06 -17.98 47.10
N ASN C 158 20.90 -17.31 47.30
CA ASN C 158 19.55 -17.90 47.19
C ASN C 158 18.48 -16.84 46.96
N SER C 159 18.89 -15.60 46.70
CA SER C 159 17.96 -14.49 46.47
C SER C 159 18.12 -13.82 45.10
N GLN C 160 17.01 -13.25 44.56
CA GLN C 160 17.05 -12.56 43.27
C GLN C 160 16.39 -11.20 43.34
N GLU C 161 17.05 -10.15 42.85
CA GLU C 161 16.53 -8.78 42.84
C GLU C 161 16.02 -8.51 41.45
N SER C 162 15.09 -7.55 41.32
CA SER C 162 14.55 -7.06 40.06
C SER C 162 14.06 -5.64 40.27
N VAL C 163 14.46 -4.71 39.39
CA VAL C 163 14.08 -3.30 39.54
C VAL C 163 13.30 -2.83 38.35
N THR C 164 12.20 -2.08 38.61
CA THR C 164 11.38 -1.45 37.59
C THR C 164 12.17 -0.29 36.96
N GLU C 165 11.75 0.13 35.79
CA GLU C 165 12.33 1.27 35.08
C GLU C 165 11.81 2.54 35.77
N GLN C 166 12.30 3.70 35.36
CA GLN C 166 11.85 4.94 35.97
C GLN C 166 10.36 5.11 35.79
N ASP C 167 9.75 5.81 36.74
CA ASP C 167 8.33 6.08 36.70
C ASP C 167 8.01 7.24 35.80
N SER C 168 6.96 7.02 34.99
CA SER C 168 6.45 7.99 34.03
C SER C 168 5.99 9.27 34.72
N LYS C 169 5.42 9.15 35.96
CA LYS C 169 4.87 10.25 36.74
C LYS C 169 5.85 10.85 37.77
N ASP C 170 6.23 10.09 38.81
CA ASP C 170 7.06 10.51 39.95
C ASP C 170 8.57 10.26 39.80
N SER C 171 9.00 9.68 38.68
CA SER C 171 10.41 9.42 38.38
C SER C 171 11.16 8.60 39.43
N THR C 172 10.43 7.65 40.07
CA THR C 172 11.02 6.77 41.09
C THR C 172 11.28 5.33 40.57
N TYR C 173 11.80 4.49 41.46
CA TYR C 173 12.12 3.11 41.17
C TYR C 173 11.54 2.23 42.25
N SER C 174 11.40 0.94 41.95
CA SER C 174 10.89 -0.06 42.87
C SER C 174 11.70 -1.31 42.71
N LEU C 175 12.14 -1.90 43.82
CA LEU C 175 12.97 -3.09 43.80
C LEU C 175 12.24 -4.27 44.43
N SER C 176 12.48 -5.46 43.86
CA SER C 176 11.89 -6.67 44.37
C SER C 176 12.92 -7.75 44.51
N SER C 177 13.43 -7.91 45.74
CA SER C 177 14.36 -8.96 46.10
C SER C 177 13.53 -10.09 46.69
N THR C 178 13.79 -11.31 46.24
CA THR C 178 13.09 -12.50 46.70
C THR C 178 14.09 -13.57 47.09
N LEU C 179 13.94 -14.04 48.34
CA LEU C 179 14.68 -15.12 48.98
C LEU C 179 13.84 -16.37 48.71
N THR C 180 14.38 -17.37 48.01
CA THR C 180 13.58 -18.58 47.78
C THR C 180 14.20 -19.77 48.44
N LEU C 181 13.35 -20.60 49.04
CA LEU C 181 13.72 -21.82 49.77
C LEU C 181 12.73 -22.95 49.51
N SER C 182 13.09 -24.15 49.96
CA SER C 182 12.24 -25.33 49.92
C SER C 182 11.49 -25.25 51.24
N LYS C 183 10.21 -25.71 51.28
CA LYS C 183 9.38 -25.66 52.51
C LYS C 183 10.12 -26.22 53.71
N ALA C 184 11.10 -27.09 53.44
CA ALA C 184 11.99 -27.74 54.40
C ALA C 184 12.74 -26.68 55.20
N ASP C 185 13.81 -26.10 54.61
CA ASP C 185 14.69 -25.08 55.21
C ASP C 185 13.89 -23.94 55.85
N TYR C 186 12.73 -23.60 55.25
CA TYR C 186 11.84 -22.55 55.71
C TYR C 186 11.22 -22.84 57.08
N GLU C 187 10.73 -24.06 57.29
CA GLU C 187 10.13 -24.45 58.55
C GLU C 187 11.21 -24.58 59.62
N LYS C 188 12.44 -24.89 59.18
CA LYS C 188 13.63 -25.05 60.00
C LYS C 188 14.16 -23.71 60.60
N HIS C 189 13.39 -22.61 60.46
CA HIS C 189 13.76 -21.28 60.95
C HIS C 189 12.53 -20.46 61.33
N LYS C 190 12.73 -19.33 62.04
CA LYS C 190 11.61 -18.49 62.44
C LYS C 190 11.72 -17.00 61.99
N VAL C 191 12.81 -16.27 62.38
CA VAL C 191 12.94 -14.84 62.09
C VAL C 191 13.64 -14.57 60.72
N TYR C 192 12.83 -14.05 59.75
CA TYR C 192 13.18 -13.71 58.37
C TYR C 192 13.16 -12.18 58.20
N ALA C 193 14.29 -11.58 57.75
CA ALA C 193 14.40 -10.12 57.67
C ALA C 193 15.05 -9.55 56.40
N CYS C 194 14.75 -8.25 56.13
CA CYS C 194 15.24 -7.41 55.03
C CYS C 194 16.11 -6.29 55.57
N GLU C 195 17.38 -6.20 55.11
CA GLU C 195 18.24 -5.09 55.56
C GLU C 195 18.52 -4.16 54.39
N VAL C 196 17.60 -3.19 54.24
CA VAL C 196 17.62 -2.18 53.19
C VAL C 196 18.43 -0.96 53.60
N THR C 197 19.50 -0.73 52.84
CA THR C 197 20.40 0.41 53.00
C THR C 197 20.35 1.22 51.69
N HIS C 198 19.73 2.41 51.78
CA HIS C 198 19.55 3.36 50.67
C HIS C 198 20.13 4.74 51.04
N GLN C 199 20.46 5.54 50.01
CA GLN C 199 21.00 6.90 50.12
C GLN C 199 20.07 7.82 50.94
N GLY C 200 18.77 7.62 50.77
CA GLY C 200 17.73 8.34 51.49
C GLY C 200 17.43 7.79 52.87
N LEU C 201 18.34 6.98 53.44
CA LEU C 201 18.17 6.42 54.78
C LEU C 201 19.43 6.65 55.60
N SER C 202 19.29 7.32 56.77
CA SER C 202 20.42 7.56 57.67
C SER C 202 20.84 6.25 58.34
N SER C 203 19.84 5.45 58.76
CA SER C 203 19.99 4.13 59.37
C SER C 203 19.49 3.06 58.39
N PRO C 204 20.08 1.83 58.36
CA PRO C 204 19.57 0.81 57.43
C PRO C 204 18.27 0.19 57.95
N VAL C 205 17.20 0.28 57.17
CA VAL C 205 15.86 -0.21 57.55
C VAL C 205 15.75 -1.74 57.51
N THR C 206 15.06 -2.30 58.52
CA THR C 206 14.83 -3.73 58.63
C THR C 206 13.35 -4.04 58.78
N LYS C 207 12.79 -4.78 57.82
CA LYS C 207 11.39 -5.23 57.87
C LYS C 207 11.43 -6.74 57.95
N SER C 208 11.07 -7.25 59.13
CA SER C 208 11.10 -8.66 59.52
C SER C 208 9.74 -9.21 59.89
N PHE C 209 9.63 -10.56 59.88
CA PHE C 209 8.46 -11.32 60.31
C PHE C 209 8.88 -12.63 60.97
N ASN C 210 7.96 -13.24 61.73
CA ASN C 210 8.20 -14.53 62.35
C ASN C 210 7.13 -15.53 61.88
N ARG C 211 7.51 -16.82 61.76
CA ARG C 211 6.66 -17.92 61.32
C ARG C 211 5.77 -18.47 62.49
C1 NAG D . -15.07 22.50 -5.86
C2 NAG D . -16.17 23.47 -6.27
C3 NAG D . -16.92 23.85 -5.00
C4 NAG D . -17.69 22.63 -4.51
C5 NAG D . -16.76 21.41 -4.39
C6 NAG D . -17.52 20.10 -4.47
C7 NAG D . -14.88 25.54 -6.77
C8 NAG D . -14.61 26.52 -7.86
N2 NAG D . -15.81 24.64 -7.06
O3 NAG D . -17.81 24.92 -5.29
O4 NAG D . -18.35 22.92 -3.27
O5 NAG D . -15.82 21.33 -5.47
O6 NAG D . -18.19 20.00 -5.70
O7 NAG D . -14.29 25.57 -5.68
C1 NAG D . -19.69 22.48 -3.03
C2 NAG D . -19.76 21.92 -1.62
C3 NAG D . -21.17 21.98 -1.02
C4 NAG D . -21.75 23.38 -1.14
C5 NAG D . -21.58 24.08 -2.50
C6 NAG D . -21.17 25.53 -2.39
C7 NAG D . -18.11 20.14 -1.28
C8 NAG D . -17.91 18.66 -1.28
N2 NAG D . -19.32 20.54 -1.66
O3 NAG D . -21.04 21.69 0.37
O4 NAG D . -23.14 23.31 -0.86
O5 NAG D . -20.67 23.42 -3.43
O6 NAG D . -19.82 25.65 -1.96
O7 NAG D . -17.22 20.92 -0.96
C1 NAG E . -4.53 -5.92 -34.34
C2 NAG E . -5.13 -4.62 -33.82
C3 NAG E . -4.56 -3.60 -34.80
C4 NAG E . -3.09 -3.37 -34.44
C5 NAG E . -2.32 -4.68 -34.19
C6 NAG E . -1.73 -4.76 -32.81
C7 NAG E . -7.50 -4.75 -34.61
C8 NAG E . -8.91 -4.82 -34.10
N2 NAG E . -6.58 -4.49 -33.68
O3 NAG E . -5.28 -2.37 -34.63
O4 NAG E . -2.36 -2.59 -35.39
O5 NAG E . -3.09 -5.90 -34.45
O6 NAG E . -0.43 -4.17 -32.78
O7 NAG E . -7.23 -4.88 -35.81
C1 NAG E . -1.73 -1.41 -34.88
C2 NAG E . -0.37 -1.11 -35.53
C3 NAG E . 0.24 0.20 -35.03
C4 NAG E . -0.78 1.32 -34.90
C5 NAG E . -2.08 0.84 -34.26
C6 NAG E . -3.18 1.88 -34.29
C7 NAG E . 1.17 -2.96 -36.11
C8 NAG E . 2.05 -4.02 -35.55
N2 NAG E . 0.49 -2.23 -35.20
O3 NAG E . 1.25 0.64 -35.93
O4 NAG E . -0.25 2.34 -34.05
O5 NAG E . -2.57 -0.28 -35.00
O6 NAG E . -4.47 1.27 -34.20
O7 NAG E . 1.04 -2.78 -37.32
C1 NAG F . 9.43 -24.83 -41.92
C2 NAG F . 10.93 -25.17 -41.96
C3 NAG F . 11.72 -24.05 -42.64
C4 NAG F . 11.14 -23.71 -44.02
C5 NAG F . 9.62 -23.52 -43.93
C6 NAG F . 8.99 -23.41 -45.30
C7 NAG F . 11.60 -26.64 -40.10
C8 NAG F . 11.43 -27.82 -41.02
N2 NAG F . 11.49 -25.44 -40.66
O3 NAG F . 13.06 -24.49 -42.82
O4 NAG F . 11.72 -22.48 -44.44
O5 NAG F . 9.02 -24.66 -43.29
O6 NAG F . 7.67 -23.92 -45.33
O7 NAG F . 11.84 -26.78 -38.91
C1 NAG G . 5.63 -31.41 -52.55
C2 NAG G . 5.46 -32.64 -53.45
C3 NAG G . 6.64 -32.50 -54.45
C4 NAG G . 6.80 -31.07 -55.01
C5 NAG G . 6.70 -30.06 -53.88
C6 NAG G . 6.92 -28.60 -54.13
C7 NAG G . 5.77 -35.07 -52.86
C8 NAG G . 5.20 -35.47 -54.19
N2 NAG G . 5.69 -33.75 -52.53
O3 NAG G . 6.49 -33.37 -55.57
O4 NAG G . 8.05 -30.88 -55.65
O5 NAG G . 5.43 -30.22 -53.25
O6 NAG G . 6.87 -27.98 -52.83
O7 NAG G . 6.22 -35.90 -52.08
C1 NAG H . 4.10 -15.49 -29.14
C2 NAG H . 5.52 -15.88 -28.72
C3 NAG H . 6.28 -14.56 -28.67
C4 NAG H . 6.23 -13.85 -30.02
C5 NAG H . 4.80 -13.68 -30.53
C6 NAG H . 4.75 -13.27 -31.99
C7 NAG H . 5.61 -17.80 -27.17
C8 NAG H . 5.70 -18.21 -25.74
N2 NAG H . 5.47 -16.49 -27.40
O3 NAG H . 7.63 -14.84 -28.34
O4 NAG H . 6.81 -12.56 -29.85
O5 NAG H . 4.11 -14.94 -30.45
O6 NAG H . 5.10 -14.36 -32.83
O7 NAG H . 5.64 -18.61 -28.08
#